data_1SES
#
_entry.id   1SES
#
_cell.length_a   85.100
_cell.length_b   125.200
_cell.length_c   62.400
_cell.angle_alpha   90.00
_cell.angle_beta   108.80
_cell.angle_gamma   90.00
#
_symmetry.space_group_name_H-M   'P 1 21 1'
#
loop_
_entity.id
_entity.type
_entity.pdbx_description
1 polymer 'SERYL-tRNA SYNTHETASE'
2 non-polymer 'SERYL-HYDROXAMATE-ADENOSINE MONOPHOSPHATE'
3 non-polymer 'ADENOSINE MONOPHOSPHATE'
4 water water
#
_entity_poly.entity_id   1
_entity_poly.type   'polypeptide(L)'
_entity_poly.pdbx_seq_one_letter_code
;MVDLKRLRQEPEVFHRAIREKGVALDLEALLALDREVQELKKRLQEVQTERNQVAKRVPKAPPEEKEALIARGKALGEEA
KRLEEALREKEARLEALLLQVPLPPWPGAPVGGEEANREIKRVGGPPEFSFPPLDHVALMEKNGWWEPRISQVSGSRSYA
LKGDLALYELALLRFAMDFMARRGFLPMTLPSYAREKAFLGTGHFPAYRDQVWAIAETDLYLTGTAEVVLNALHSGEILP
YEALPLRYAGYAPAFRSEAGSFGKDVRGLMRVHQFHKVEQYVLTEASLEASDRAFQELLENAEEILRLLELPYRLVEVAT
GDMGPGKWRQVDIEVYLPSEGRYRETHSCSALLDWQARRANLRYRDPEGRVRYAYTLNNTALATPRILAMLLENHQLQDG
RVRVPQALIPYMGKEVLEPCG
;
_entity_poly.pdbx_strand_id   A,B
#
loop_
_chem_comp.id
_chem_comp.type
_chem_comp.name
_chem_comp.formula
AHX non-polymer 'SERYL-HYDROXAMATE-ADENOSINE MONOPHOSPHATE' 'C13 H20 N7 O9 P'
AMP non-polymer 'ADENOSINE MONOPHOSPHATE' 'C10 H14 N5 O7 P'
#
# COMPACT_ATOMS: atom_id res chain seq x y z
N MET A 1 -14.67 -21.10 -9.20
CA MET A 1 -14.44 -22.29 -9.97
C MET A 1 -15.40 -23.30 -9.39
N VAL A 2 -16.32 -23.79 -10.21
CA VAL A 2 -17.24 -24.78 -9.65
C VAL A 2 -16.78 -26.16 -10.04
N ASP A 3 -17.29 -27.19 -9.38
CA ASP A 3 -17.04 -28.58 -9.79
C ASP A 3 -17.68 -28.91 -11.15
N LEU A 4 -16.92 -28.98 -12.24
CA LEU A 4 -17.42 -29.28 -13.57
C LEU A 4 -18.32 -30.51 -13.67
N LYS A 5 -18.14 -31.46 -12.78
CA LYS A 5 -18.88 -32.69 -12.74
C LYS A 5 -20.31 -32.35 -12.31
N ARG A 6 -20.48 -31.46 -11.31
CA ARG A 6 -21.81 -31.01 -10.90
C ARG A 6 -22.42 -30.09 -11.92
N LEU A 7 -21.56 -29.33 -12.60
CA LEU A 7 -21.94 -28.42 -13.63
C LEU A 7 -22.57 -29.20 -14.76
N ARG A 8 -22.04 -30.38 -15.03
CA ARG A 8 -22.62 -31.21 -16.07
C ARG A 8 -23.87 -31.94 -15.60
N GLN A 9 -24.02 -32.43 -14.37
CA GLN A 9 -25.26 -33.13 -14.07
C GLN A 9 -26.36 -32.27 -13.52
N GLU A 10 -26.06 -31.07 -13.05
CA GLU A 10 -27.09 -30.23 -12.49
C GLU A 10 -27.23 -28.90 -13.18
N PRO A 11 -27.07 -28.72 -14.50
CA PRO A 11 -26.86 -27.41 -15.09
C PRO A 11 -27.94 -26.42 -14.73
N GLU A 12 -29.16 -26.90 -14.41
CA GLU A 12 -30.32 -26.06 -14.07
C GLU A 12 -30.03 -25.26 -12.79
N VAL A 13 -29.38 -25.89 -11.80
CA VAL A 13 -28.90 -25.27 -10.57
C VAL A 13 -28.01 -24.07 -10.89
N PHE A 14 -27.08 -24.28 -11.81
CA PHE A 14 -26.17 -23.24 -12.21
C PHE A 14 -26.90 -22.26 -13.04
N HIS A 15 -27.98 -22.64 -13.71
CA HIS A 15 -28.71 -21.69 -14.53
C HIS A 15 -29.50 -20.76 -13.62
N ARG A 16 -30.15 -21.31 -12.60
CA ARG A 16 -30.89 -20.54 -11.61
C ARG A 16 -29.84 -19.58 -11.00
N ALA A 17 -28.73 -20.13 -10.49
CA ALA A 17 -27.61 -19.37 -9.96
C ALA A 17 -27.13 -18.28 -10.90
N ILE A 18 -26.93 -18.47 -12.21
CA ILE A 18 -26.49 -17.39 -13.10
C ILE A 18 -27.54 -16.30 -13.20
N ARG A 19 -28.80 -16.69 -13.33
CA ARG A 19 -29.89 -15.73 -13.40
C ARG A 19 -30.02 -14.99 -12.08
N GLU A 20 -30.33 -15.64 -10.96
CA GLU A 20 -30.46 -14.98 -9.67
C GLU A 20 -29.23 -14.15 -9.27
N LYS A 21 -28.02 -14.53 -9.62
CA LYS A 21 -26.90 -13.72 -9.23
C LYS A 21 -26.64 -12.70 -10.29
N GLY A 22 -27.33 -12.79 -11.43
CA GLY A 22 -27.18 -11.82 -12.50
C GLY A 22 -25.79 -11.85 -13.07
N VAL A 23 -25.25 -13.04 -13.37
CA VAL A 23 -23.91 -13.12 -13.95
C VAL A 23 -24.14 -13.14 -15.44
N ALA A 24 -23.28 -12.42 -16.12
CA ALA A 24 -23.35 -12.33 -17.56
C ALA A 24 -22.71 -13.55 -18.25
N LEU A 25 -23.28 -14.75 -18.06
CA LEU A 25 -22.66 -15.96 -18.54
C LEU A 25 -23.57 -16.86 -19.36
N ASP A 26 -23.27 -17.12 -20.63
CA ASP A 26 -24.11 -18.03 -21.40
C ASP A 26 -23.85 -19.47 -21.01
N LEU A 27 -24.73 -20.06 -20.22
CA LEU A 27 -24.48 -21.43 -19.81
C LEU A 27 -24.56 -22.43 -20.94
N GLU A 28 -25.43 -22.26 -21.97
CA GLU A 28 -25.47 -23.31 -22.99
C GLU A 28 -24.16 -23.26 -23.72
N ALA A 29 -23.63 -22.07 -24.01
CA ALA A 29 -22.37 -21.96 -24.69
C ALA A 29 -21.24 -22.64 -23.91
N LEU A 30 -21.32 -22.67 -22.59
CA LEU A 30 -20.24 -23.25 -21.82
C LEU A 30 -20.34 -24.75 -21.85
N LEU A 31 -21.54 -25.24 -21.56
CA LEU A 31 -21.72 -26.67 -21.50
C LEU A 31 -21.50 -27.40 -22.84
N ALA A 32 -21.77 -26.62 -23.88
CA ALA A 32 -21.53 -27.01 -25.26
C ALA A 32 -20.05 -27.12 -25.50
N LEU A 33 -19.28 -26.08 -25.13
CA LEU A 33 -17.85 -26.06 -25.32
C LEU A 33 -17.15 -27.16 -24.53
N ASP A 34 -17.72 -27.42 -23.35
CA ASP A 34 -17.34 -28.50 -22.48
C ASP A 34 -17.56 -29.81 -23.24
N ARG A 35 -18.72 -30.05 -23.87
CA ARG A 35 -18.91 -31.25 -24.65
C ARG A 35 -17.94 -31.28 -25.82
N GLU A 36 -17.71 -30.19 -26.56
CA GLU A 36 -16.76 -30.19 -27.65
C GLU A 36 -15.40 -30.60 -27.18
N VAL A 37 -14.98 -30.07 -26.03
CA VAL A 37 -13.68 -30.42 -25.48
C VAL A 37 -13.65 -31.87 -25.02
N GLN A 38 -14.70 -32.43 -24.43
CA GLN A 38 -14.66 -33.82 -24.07
C GLN A 38 -14.60 -34.71 -25.32
N GLU A 39 -15.38 -34.46 -26.39
CA GLU A 39 -15.34 -35.32 -27.56
C GLU A 39 -14.01 -35.21 -28.26
N LEU A 40 -13.40 -34.04 -28.26
CA LEU A 40 -12.09 -33.88 -28.86
C LEU A 40 -11.07 -34.69 -28.11
N LYS A 41 -11.09 -34.66 -26.79
CA LYS A 41 -10.13 -35.40 -25.99
C LYS A 41 -10.31 -36.89 -26.18
N LYS A 42 -11.55 -37.36 -26.23
CA LYS A 42 -11.85 -38.76 -26.49
C LYS A 42 -11.29 -39.16 -27.86
N ARG A 43 -11.56 -38.31 -28.86
CA ARG A 43 -11.17 -38.52 -30.24
C ARG A 43 -9.69 -38.54 -30.39
N LEU A 44 -8.97 -37.62 -29.76
CA LEU A 44 -7.53 -37.63 -29.76
C LEU A 44 -7.03 -38.94 -29.18
N GLN A 45 -7.71 -39.49 -28.14
CA GLN A 45 -7.35 -40.75 -27.52
C GLN A 45 -7.36 -41.78 -28.61
N GLU A 46 -8.54 -41.84 -29.24
CA GLU A 46 -8.82 -42.79 -30.30
C GLU A 46 -7.81 -42.64 -31.43
N VAL A 47 -7.39 -41.41 -31.74
CA VAL A 47 -6.43 -41.22 -32.82
C VAL A 47 -5.11 -41.81 -32.37
N GLN A 48 -4.46 -41.25 -31.34
CA GLN A 48 -3.16 -41.68 -30.86
C GLN A 48 -3.03 -43.19 -30.68
N THR A 49 -4.14 -43.82 -30.31
CA THR A 49 -4.19 -45.25 -30.18
C THR A 49 -4.08 -45.88 -31.56
N GLU A 50 -4.99 -45.61 -32.48
CA GLU A 50 -4.95 -46.26 -33.76
C GLU A 50 -3.66 -45.93 -34.50
N ARG A 51 -3.12 -44.73 -34.32
CA ARG A 51 -1.86 -44.35 -34.93
C ARG A 51 -0.71 -45.19 -34.40
N ASN A 52 -0.81 -45.66 -33.16
CA ASN A 52 0.17 -46.54 -32.56
C ASN A 52 -0.10 -47.91 -33.15
N GLN A 53 -1.27 -48.47 -32.91
CA GLN A 53 -1.55 -49.80 -33.34
C GLN A 53 -1.61 -50.04 -34.84
N VAL A 54 -1.65 -49.05 -35.75
CA VAL A 54 -1.44 -49.38 -37.16
C VAL A 54 0.06 -49.25 -37.41
N ALA A 55 0.85 -48.35 -36.80
CA ALA A 55 2.31 -48.25 -37.04
C ALA A 55 3.04 -49.48 -36.58
N LYS A 56 2.38 -50.25 -35.71
CA LYS A 56 2.83 -51.58 -35.33
C LYS A 56 2.63 -52.52 -36.51
N ARG A 57 1.43 -52.52 -37.12
CA ARG A 57 1.10 -53.40 -38.23
C ARG A 57 1.87 -53.06 -39.50
N VAL A 58 2.16 -51.77 -39.70
CA VAL A 58 2.82 -51.29 -40.90
C VAL A 58 4.14 -51.97 -41.25
N PRO A 59 5.23 -51.88 -40.47
CA PRO A 59 6.60 -51.92 -40.96
C PRO A 59 6.91 -53.05 -41.94
N LYS A 60 6.47 -54.23 -41.54
CA LYS A 60 6.64 -55.40 -42.35
C LYS A 60 5.18 -55.88 -42.30
N ALA A 61 4.48 -55.49 -43.37
CA ALA A 61 3.08 -55.87 -43.63
C ALA A 61 3.04 -56.43 -45.05
N PRO A 62 2.07 -57.26 -45.55
CA PRO A 62 2.03 -57.66 -46.95
C PRO A 62 1.87 -56.37 -47.77
N PRO A 63 2.69 -56.16 -48.80
CA PRO A 63 2.96 -54.84 -49.38
C PRO A 63 1.73 -54.01 -49.74
N GLU A 64 0.66 -54.70 -50.16
CA GLU A 64 -0.58 -54.06 -50.50
C GLU A 64 -1.34 -53.60 -49.25
N GLU A 65 -1.37 -54.40 -48.17
CA GLU A 65 -2.01 -54.00 -46.93
C GLU A 65 -1.16 -52.89 -46.27
N LYS A 66 0.16 -52.91 -46.42
CA LYS A 66 1.05 -51.90 -45.88
C LYS A 66 0.73 -50.47 -46.34
N GLU A 67 0.61 -50.16 -47.64
CA GLU A 67 0.23 -48.84 -48.12
C GLU A 67 -1.16 -48.44 -47.63
N ALA A 68 -2.16 -49.30 -47.49
CA ALA A 68 -3.45 -48.90 -46.91
C ALA A 68 -3.30 -48.39 -45.46
N LEU A 69 -2.41 -49.05 -44.69
CA LEU A 69 -2.06 -48.68 -43.34
C LEU A 69 -1.26 -47.38 -43.28
N ILE A 70 -0.44 -47.12 -44.29
CA ILE A 70 0.33 -45.89 -44.41
C ILE A 70 -0.63 -44.74 -44.64
N ALA A 71 -1.55 -44.95 -45.58
CA ALA A 71 -2.58 -44.02 -45.96
C ALA A 71 -3.40 -43.66 -44.72
N ARG A 72 -3.88 -44.68 -44.01
CA ARG A 72 -4.62 -44.49 -42.77
C ARG A 72 -3.75 -43.72 -41.79
N GLY A 73 -2.45 -43.99 -41.67
CA GLY A 73 -1.56 -43.22 -40.80
C GLY A 73 -1.45 -41.74 -41.20
N LYS A 74 -1.39 -41.42 -42.49
CA LYS A 74 -1.36 -40.05 -42.95
C LYS A 74 -2.65 -39.35 -42.55
N ALA A 75 -3.79 -40.03 -42.68
CA ALA A 75 -5.08 -39.46 -42.34
C ALA A 75 -5.22 -39.19 -40.86
N LEU A 76 -4.89 -40.18 -40.04
CA LEU A 76 -4.96 -40.09 -38.60
C LEU A 76 -4.01 -39.04 -38.02
N GLY A 77 -2.85 -38.90 -38.67
CA GLY A 77 -1.84 -37.96 -38.28
C GLY A 77 -2.27 -36.51 -38.48
N GLU A 78 -2.84 -36.19 -39.64
CA GLU A 78 -3.31 -34.84 -39.91
C GLU A 78 -4.53 -34.53 -39.05
N GLU A 79 -5.27 -35.58 -38.67
CA GLU A 79 -6.44 -35.39 -37.85
C GLU A 79 -6.03 -35.09 -36.43
N ALA A 80 -5.00 -35.76 -35.90
CA ALA A 80 -4.47 -35.44 -34.59
C ALA A 80 -3.98 -33.98 -34.53
N LYS A 81 -3.26 -33.48 -35.53
CA LYS A 81 -2.85 -32.07 -35.61
C LYS A 81 -4.02 -31.11 -35.45
N ARG A 82 -5.06 -31.40 -36.21
CA ARG A 82 -6.29 -30.63 -36.19
C ARG A 82 -6.98 -30.76 -34.85
N LEU A 83 -7.01 -31.94 -34.27
CA LEU A 83 -7.67 -32.17 -32.99
C LEU A 83 -6.99 -31.40 -31.90
N GLU A 84 -5.66 -31.41 -31.91
CA GLU A 84 -4.88 -30.69 -30.95
C GLU A 84 -5.08 -29.20 -31.17
N GLU A 85 -4.98 -28.62 -32.37
CA GLU A 85 -5.18 -27.18 -32.57
C GLU A 85 -6.50 -26.73 -31.97
N ALA A 86 -7.56 -27.49 -32.20
CA ALA A 86 -8.88 -27.14 -31.73
C ALA A 86 -9.00 -27.29 -30.23
N LEU A 87 -8.40 -28.34 -29.70
CA LEU A 87 -8.44 -28.61 -28.29
C LEU A 87 -7.69 -27.53 -27.53
N ARG A 88 -6.52 -27.12 -28.01
CA ARG A 88 -5.72 -26.07 -27.35
C ARG A 88 -6.51 -24.77 -27.26
N GLU A 89 -7.19 -24.48 -28.35
CA GLU A 89 -8.00 -23.30 -28.53
C GLU A 89 -9.31 -23.33 -27.75
N LYS A 90 -9.94 -24.48 -27.67
CA LYS A 90 -11.21 -24.57 -26.97
C LYS A 90 -11.07 -24.78 -25.48
N GLU A 91 -10.01 -25.45 -25.00
CA GLU A 91 -9.76 -25.61 -23.57
C GLU A 91 -9.52 -24.23 -22.99
N ALA A 92 -8.71 -23.40 -23.66
CA ALA A 92 -8.41 -22.06 -23.17
C ALA A 92 -9.67 -21.26 -22.93
N ARG A 93 -10.58 -21.11 -23.89
CA ARG A 93 -11.79 -20.35 -23.63
C ARG A 93 -12.75 -20.99 -22.66
N LEU A 94 -12.76 -22.32 -22.51
CA LEU A 94 -13.59 -22.99 -21.50
C LEU A 94 -13.02 -22.70 -20.11
N GLU A 95 -11.70 -22.66 -19.91
CA GLU A 95 -11.11 -22.33 -18.63
C GLU A 95 -11.44 -20.88 -18.34
N ALA A 96 -11.33 -20.00 -19.30
CA ALA A 96 -11.72 -18.60 -19.09
C ALA A 96 -13.18 -18.46 -18.73
N LEU A 97 -14.04 -19.33 -19.25
CA LEU A 97 -15.45 -19.30 -18.94
C LEU A 97 -15.77 -19.89 -17.60
N LEU A 98 -15.05 -20.92 -17.18
CA LEU A 98 -15.32 -21.59 -15.90
C LEU A 98 -14.98 -20.73 -14.71
N LEU A 99 -14.05 -19.85 -15.03
CA LEU A 99 -13.61 -18.83 -14.11
C LEU A 99 -14.69 -17.81 -13.88
N GLN A 100 -15.79 -17.88 -14.64
CA GLN A 100 -16.93 -16.99 -14.51
C GLN A 100 -18.16 -17.64 -13.93
N VAL A 101 -18.17 -18.95 -13.70
CA VAL A 101 -19.37 -19.62 -13.23
C VAL A 101 -19.60 -19.35 -11.75
N PRO A 102 -20.78 -18.90 -11.33
CA PRO A 102 -21.10 -18.57 -9.96
C PRO A 102 -21.41 -19.76 -9.08
N LEU A 103 -21.18 -19.60 -7.79
CA LEU A 103 -21.55 -20.63 -6.89
C LEU A 103 -23.06 -20.36 -6.74
N PRO A 104 -23.88 -21.40 -6.67
CA PRO A 104 -25.25 -21.32 -6.15
C PRO A 104 -25.38 -20.64 -4.79
N PRO A 105 -26.28 -19.67 -4.69
CA PRO A 105 -26.58 -19.05 -3.43
C PRO A 105 -27.27 -20.00 -2.51
N TRP A 106 -27.06 -19.85 -1.22
CA TRP A 106 -27.74 -20.65 -0.26
C TRP A 106 -29.20 -20.36 -0.43
N PRO A 107 -30.02 -21.40 -0.31
CA PRO A 107 -31.47 -21.32 -0.43
C PRO A 107 -32.16 -20.10 0.24
N GLY A 108 -31.77 -19.77 1.48
CA GLY A 108 -32.38 -18.67 2.19
C GLY A 108 -31.91 -17.28 1.77
N ALA A 109 -31.22 -17.07 0.65
CA ALA A 109 -30.72 -15.78 0.27
C ALA A 109 -31.86 -15.17 -0.48
N PRO A 110 -32.24 -13.90 -0.20
CA PRO A 110 -33.29 -13.20 -0.91
C PRO A 110 -32.85 -13.17 -2.35
N VAL A 111 -33.81 -13.25 -3.26
CA VAL A 111 -33.48 -13.18 -4.68
C VAL A 111 -33.87 -11.77 -5.11
N GLY A 112 -32.92 -11.06 -5.65
CA GLY A 112 -33.12 -9.70 -6.04
C GLY A 112 -31.76 -9.09 -5.96
N GLY A 113 -31.66 -7.81 -6.28
CA GLY A 113 -30.41 -7.10 -6.18
C GLY A 113 -30.37 -6.55 -4.76
N GLU A 114 -29.56 -5.50 -4.57
CA GLU A 114 -29.32 -4.76 -3.34
C GLU A 114 -30.58 -4.39 -2.59
N GLU A 115 -31.65 -4.13 -3.34
CA GLU A 115 -32.97 -3.79 -2.80
C GLU A 115 -33.69 -4.93 -2.11
N ALA A 116 -33.33 -6.17 -2.44
CA ALA A 116 -33.96 -7.30 -1.80
C ALA A 116 -33.22 -7.68 -0.53
N ASN A 117 -32.12 -7.00 -0.18
CA ASN A 117 -31.36 -7.39 1.00
C ASN A 117 -32.25 -7.33 2.21
N ARG A 118 -32.43 -8.36 3.05
CA ARG A 118 -33.35 -8.29 4.15
C ARG A 118 -32.55 -8.05 5.39
N GLU A 119 -33.00 -7.19 6.25
CA GLU A 119 -32.41 -6.99 7.53
C GLU A 119 -32.84 -8.16 8.42
N ILE A 120 -31.91 -8.77 9.17
CA ILE A 120 -32.18 -9.93 9.98
C ILE A 120 -32.61 -9.51 11.35
N LYS A 121 -31.87 -8.56 11.89
CA LYS A 121 -32.11 -8.01 13.23
C LYS A 121 -31.29 -6.74 13.33
N ARG A 122 -31.54 -5.93 14.35
CA ARG A 122 -30.69 -4.80 14.60
C ARG A 122 -30.51 -4.86 16.10
N VAL A 123 -29.36 -4.37 16.56
CA VAL A 123 -28.94 -4.41 17.95
C VAL A 123 -28.51 -2.97 18.23
N GLY A 124 -29.08 -2.44 19.31
CA GLY A 124 -28.83 -1.08 19.79
C GLY A 124 -29.69 -0.06 19.07
N GLY A 125 -30.00 1.06 19.75
CA GLY A 125 -30.81 2.13 19.15
C GLY A 125 -29.93 3.20 18.48
N PRO A 126 -30.49 4.13 17.72
CA PRO A 126 -29.82 5.39 17.38
C PRO A 126 -29.38 6.03 18.69
N PRO A 127 -28.23 6.71 18.78
CA PRO A 127 -27.92 7.56 19.92
C PRO A 127 -28.93 8.73 20.05
N GLU A 128 -29.17 9.16 21.30
CA GLU A 128 -30.10 10.24 21.58
C GLU A 128 -29.32 11.47 22.07
N PHE A 129 -29.36 12.60 21.38
CA PHE A 129 -28.47 13.68 21.77
C PHE A 129 -29.14 14.87 22.44
N SER A 130 -28.51 15.42 23.48
CA SER A 130 -28.99 16.62 24.15
C SER A 130 -28.69 17.86 23.30
N PHE A 131 -28.34 17.69 22.05
CA PHE A 131 -27.83 18.74 21.22
C PHE A 131 -28.02 18.23 19.83
N PRO A 132 -27.95 19.03 18.79
CA PRO A 132 -28.02 18.48 17.45
C PRO A 132 -26.63 17.89 17.15
N PRO A 133 -26.55 16.68 16.67
CA PRO A 133 -25.31 16.05 16.31
C PRO A 133 -24.56 16.65 15.13
N LEU A 134 -23.22 16.58 15.15
CA LEU A 134 -22.42 16.99 14.01
C LEU A 134 -22.11 15.73 13.22
N ASP A 135 -21.88 15.88 11.94
CA ASP A 135 -21.48 14.74 11.19
C ASP A 135 -20.00 14.52 11.50
N HIS A 136 -19.40 13.39 11.12
CA HIS A 136 -18.02 13.08 11.46
C HIS A 136 -17.06 14.06 10.79
N VAL A 137 -17.34 14.59 9.59
CA VAL A 137 -16.47 15.58 8.98
C VAL A 137 -16.47 16.87 9.79
N ALA A 138 -17.60 17.42 10.22
CA ALA A 138 -17.60 18.60 11.05
C ALA A 138 -16.92 18.30 12.37
N LEU A 139 -17.01 17.11 12.93
CA LEU A 139 -16.29 16.75 14.15
C LEU A 139 -14.79 16.74 13.89
N MET A 140 -14.30 16.32 12.72
CA MET A 140 -12.89 16.33 12.44
C MET A 140 -12.41 17.71 12.14
N GLU A 141 -13.18 18.52 11.43
CA GLU A 141 -12.88 19.93 11.12
C GLU A 141 -12.78 20.72 12.41
N LYS A 142 -13.79 20.65 13.24
CA LYS A 142 -13.82 21.32 14.49
C LYS A 142 -12.61 20.99 15.32
N ASN A 143 -12.23 19.71 15.37
CA ASN A 143 -11.23 19.37 16.35
C ASN A 143 -9.82 19.30 15.84
N GLY A 144 -9.67 19.65 14.59
CA GLY A 144 -8.40 19.51 13.92
C GLY A 144 -7.94 18.06 13.86
N TRP A 145 -8.86 17.13 13.55
CA TRP A 145 -8.52 15.71 13.51
C TRP A 145 -8.18 15.08 12.17
N TRP A 146 -8.27 15.79 11.06
CA TRP A 146 -7.83 15.23 9.83
C TRP A 146 -7.14 16.36 9.12
N GLU A 147 -6.49 16.04 8.02
CA GLU A 147 -5.73 17.01 7.36
C GLU A 147 -6.25 17.15 5.97
N PRO A 148 -7.13 18.13 5.72
CA PRO A 148 -7.75 18.40 4.44
C PRO A 148 -6.70 18.61 3.36
N ARG A 149 -5.49 19.01 3.72
CA ARG A 149 -4.51 19.33 2.68
C ARG A 149 -4.08 18.09 1.93
N ILE A 150 -4.32 16.88 2.46
CA ILE A 150 -3.93 15.66 1.78
C ILE A 150 -4.53 15.52 0.38
N SER A 151 -5.69 16.15 0.12
CA SER A 151 -6.35 16.12 -1.18
C SER A 151 -5.42 16.63 -2.24
N GLN A 152 -4.62 17.62 -1.91
CA GLN A 152 -3.76 18.20 -2.91
C GLN A 152 -2.52 17.34 -3.12
N VAL A 153 -2.10 16.59 -2.11
CA VAL A 153 -0.91 15.77 -2.19
C VAL A 153 -1.24 14.48 -2.94
N SER A 154 -2.40 13.92 -2.60
CA SER A 154 -2.79 12.57 -3.02
C SER A 154 -4.06 12.41 -3.83
N GLY A 155 -4.76 13.49 -4.12
CA GLY A 155 -6.01 13.36 -4.79
C GLY A 155 -7.11 13.11 -3.80
N SER A 156 -8.25 12.85 -4.42
CA SER A 156 -9.44 12.60 -3.68
C SER A 156 -9.44 11.16 -3.21
N ARG A 157 -10.31 10.95 -2.23
CA ARG A 157 -10.50 9.69 -1.58
C ARG A 157 -9.21 9.34 -0.85
N SER A 158 -8.77 10.30 -0.05
CA SER A 158 -7.55 10.24 0.74
C SER A 158 -7.93 10.78 2.09
N TYR A 159 -7.32 10.34 3.15
CA TYR A 159 -7.57 10.94 4.43
C TYR A 159 -6.19 10.90 5.03
N ALA A 160 -6.05 11.71 6.07
CA ALA A 160 -4.79 11.91 6.76
C ALA A 160 -5.40 12.29 8.08
N LEU A 161 -5.13 11.58 9.17
CA LEU A 161 -5.82 11.82 10.40
C LEU A 161 -4.82 12.45 11.32
N LYS A 162 -5.18 13.23 12.32
CA LYS A 162 -4.19 13.95 13.09
C LYS A 162 -4.52 13.83 14.54
N GLY A 163 -3.48 13.93 15.32
CA GLY A 163 -3.59 13.95 16.75
C GLY A 163 -4.24 12.71 17.29
N ASP A 164 -5.17 12.87 18.22
CA ASP A 164 -5.87 11.78 18.85
C ASP A 164 -6.58 10.89 17.87
N LEU A 165 -7.04 11.38 16.71
CA LEU A 165 -7.76 10.48 15.87
C LEU A 165 -6.73 9.64 15.16
N ALA A 166 -5.50 10.07 14.93
CA ALA A 166 -4.45 9.25 14.29
C ALA A 166 -4.11 8.10 15.22
N LEU A 167 -3.87 8.45 16.45
CA LEU A 167 -3.66 7.53 17.51
C LEU A 167 -4.86 6.62 17.68
N TYR A 168 -6.10 7.10 17.51
CA TYR A 168 -7.29 6.26 17.68
C TYR A 168 -7.37 5.32 16.48
N GLU A 169 -7.11 5.70 15.22
CA GLU A 169 -7.01 4.76 14.12
C GLU A 169 -6.03 3.62 14.43
N LEU A 170 -4.80 3.82 14.95
CA LEU A 170 -3.87 2.73 15.30
C LEU A 170 -4.34 1.89 16.48
N ALA A 171 -4.93 2.50 17.49
CA ALA A 171 -5.43 1.80 18.63
C ALA A 171 -6.54 0.78 18.30
N LEU A 172 -7.45 1.15 17.41
CA LEU A 172 -8.52 0.31 16.93
C LEU A 172 -7.96 -0.87 16.13
N LEU A 173 -6.97 -0.67 15.31
CA LEU A 173 -6.38 -1.78 14.61
C LEU A 173 -5.73 -2.74 15.60
N ARG A 174 -5.11 -2.24 16.66
CA ARG A 174 -4.50 -3.12 17.59
C ARG A 174 -5.54 -3.88 18.40
N PHE A 175 -6.57 -3.19 18.86
CA PHE A 175 -7.67 -3.83 19.56
C PHE A 175 -8.26 -4.97 18.76
N ALA A 176 -8.55 -4.80 17.49
CA ALA A 176 -9.10 -5.81 16.63
C ALA A 176 -8.08 -6.95 16.51
N MET A 177 -6.76 -6.73 16.35
CA MET A 177 -5.76 -7.82 16.41
C MET A 177 -5.78 -8.56 17.74
N ASP A 178 -5.82 -7.89 18.89
CA ASP A 178 -5.95 -8.52 20.18
C ASP A 178 -7.28 -9.23 20.41
N PHE A 179 -8.42 -8.70 19.99
CA PHE A 179 -9.69 -9.35 20.10
C PHE A 179 -9.60 -10.67 19.29
N MET A 180 -9.13 -10.64 18.05
CA MET A 180 -8.98 -11.82 17.23
C MET A 180 -8.03 -12.87 17.82
N ALA A 181 -6.83 -12.49 18.27
CA ALA A 181 -5.88 -13.37 18.91
C ALA A 181 -6.49 -14.10 20.07
N ARG A 182 -7.27 -13.40 20.88
CA ARG A 182 -7.96 -13.96 22.02
C ARG A 182 -9.07 -14.90 21.58
N ARG A 183 -9.66 -14.74 20.39
CA ARG A 183 -10.70 -15.61 19.88
C ARG A 183 -10.10 -16.81 19.18
N GLY A 184 -8.80 -17.01 19.29
CA GLY A 184 -8.22 -18.15 18.69
C GLY A 184 -7.83 -17.89 17.27
N PHE A 185 -7.83 -16.69 16.75
CA PHE A 185 -7.43 -16.54 15.37
C PHE A 185 -5.96 -16.24 15.35
N LEU A 186 -5.17 -16.72 14.40
CA LEU A 186 -3.78 -16.49 14.40
C LEU A 186 -3.57 -15.17 13.71
N PRO A 187 -3.01 -14.20 14.43
CA PRO A 187 -2.65 -12.88 13.93
C PRO A 187 -1.45 -12.87 13.02
N MET A 188 -1.59 -12.11 11.96
CA MET A 188 -0.58 -12.02 10.96
C MET A 188 -0.60 -10.60 10.45
N THR A 189 0.54 -10.00 10.08
CA THR A 189 0.54 -8.72 9.44
C THR A 189 1.06 -9.07 8.04
N LEU A 190 0.45 -8.48 7.04
CA LEU A 190 0.66 -8.94 5.71
C LEU A 190 1.15 -7.85 4.79
N PRO A 191 1.70 -8.21 3.62
CA PRO A 191 1.87 -7.28 2.53
C PRO A 191 0.50 -6.87 2.00
N SER A 192 0.51 -5.74 1.27
CA SER A 192 -0.65 -5.23 0.53
C SER A 192 -0.51 -5.42 -0.97
N TYR A 193 0.39 -6.27 -1.43
CA TYR A 193 0.49 -6.54 -2.83
C TYR A 193 0.64 -8.06 -2.99
N ALA A 194 0.20 -8.61 -4.11
CA ALA A 194 0.26 -10.04 -4.35
C ALA A 194 0.33 -10.18 -5.86
N ARG A 195 0.61 -11.37 -6.34
CA ARG A 195 0.64 -11.63 -7.76
C ARG A 195 -0.79 -11.89 -8.25
N GLU A 196 -1.03 -11.89 -9.54
CA GLU A 196 -2.34 -12.08 -10.12
C GLU A 196 -2.99 -13.38 -9.69
N LYS A 197 -2.16 -14.39 -9.52
CA LYS A 197 -2.62 -15.69 -9.07
C LYS A 197 -3.38 -15.68 -7.75
N ALA A 198 -3.02 -14.79 -6.82
CA ALA A 198 -3.75 -14.69 -5.57
C ALA A 198 -5.15 -14.09 -5.78
N PHE A 199 -5.31 -13.21 -6.78
CA PHE A 199 -6.57 -12.59 -7.04
C PHE A 199 -7.50 -13.52 -7.73
N LEU A 200 -7.03 -14.29 -8.73
CA LEU A 200 -7.78 -15.37 -9.36
C LEU A 200 -8.23 -16.33 -8.27
N GLY A 201 -7.37 -16.64 -7.30
CA GLY A 201 -7.75 -17.53 -6.21
C GLY A 201 -8.93 -17.06 -5.38
N THR A 202 -9.17 -15.76 -5.22
CA THR A 202 -10.28 -15.35 -4.35
C THR A 202 -11.53 -15.12 -5.18
N GLY A 203 -11.35 -14.86 -6.47
CA GLY A 203 -12.48 -14.44 -7.27
C GLY A 203 -12.36 -12.97 -7.60
N HIS A 204 -11.43 -12.21 -6.99
CA HIS A 204 -11.27 -10.81 -7.33
C HIS A 204 -10.95 -10.73 -8.78
N PHE A 205 -10.11 -11.59 -9.40
CA PHE A 205 -9.96 -11.57 -10.86
C PHE A 205 -10.76 -12.76 -11.34
N PRO A 206 -11.45 -12.74 -12.48
CA PRO A 206 -11.55 -11.58 -13.37
C PRO A 206 -12.58 -10.57 -12.95
N ALA A 207 -13.70 -11.02 -12.39
CA ALA A 207 -14.85 -10.16 -12.12
C ALA A 207 -14.62 -8.74 -11.60
N TYR A 208 -13.68 -8.59 -10.69
CA TYR A 208 -13.52 -7.35 -10.03
C TYR A 208 -12.21 -6.79 -10.43
N ARG A 209 -11.63 -7.14 -11.58
CA ARG A 209 -10.28 -6.68 -11.87
C ARG A 209 -10.07 -5.17 -11.77
N ASP A 210 -11.06 -4.40 -12.16
CA ASP A 210 -11.06 -2.94 -12.19
C ASP A 210 -11.15 -2.24 -10.83
N GLN A 211 -11.34 -3.00 -9.77
CA GLN A 211 -11.36 -2.46 -8.44
C GLN A 211 -9.97 -2.50 -7.77
N VAL A 212 -8.94 -2.89 -8.51
CA VAL A 212 -7.66 -3.26 -7.96
C VAL A 212 -6.59 -2.42 -8.60
N TRP A 213 -5.71 -1.74 -7.89
CA TRP A 213 -4.60 -1.01 -8.49
C TRP A 213 -3.44 -1.93 -8.83
N ALA A 214 -2.81 -1.72 -9.95
CA ALA A 214 -1.66 -2.51 -10.29
C ALA A 214 -0.45 -1.64 -9.98
N ILE A 215 0.66 -2.26 -9.67
CA ILE A 215 1.89 -1.55 -9.46
C ILE A 215 2.48 -1.68 -10.85
N ALA A 216 2.73 -0.57 -11.52
CA ALA A 216 3.29 -0.60 -12.85
C ALA A 216 4.70 -1.17 -12.97
N GLU A 217 5.05 -1.67 -14.15
CA GLU A 217 6.36 -2.22 -14.44
C GLU A 217 6.72 -3.32 -13.46
N THR A 218 5.70 -4.06 -13.04
CA THR A 218 5.75 -5.05 -11.99
C THR A 218 4.64 -6.09 -12.30
N ASP A 219 4.71 -7.32 -11.82
CA ASP A 219 3.63 -8.27 -12.03
C ASP A 219 2.77 -8.35 -10.76
N LEU A 220 2.71 -7.24 -10.00
CA LEU A 220 2.08 -7.20 -8.69
C LEU A 220 0.90 -6.27 -8.73
N TYR A 221 -0.07 -6.53 -7.89
CA TYR A 221 -1.24 -5.71 -7.79
C TYR A 221 -1.40 -5.42 -6.30
N LEU A 222 -2.05 -4.33 -5.96
CA LEU A 222 -2.26 -3.99 -4.56
C LEU A 222 -3.55 -4.68 -4.16
N THR A 223 -3.62 -5.28 -2.96
CA THR A 223 -4.77 -6.04 -2.55
C THR A 223 -5.73 -5.09 -1.88
N GLY A 224 -7.01 -5.28 -2.14
CA GLY A 224 -8.03 -4.47 -1.54
C GLY A 224 -8.46 -5.15 -0.28
N THR A 225 -7.91 -6.32 0.05
CA THR A 225 -8.34 -7.07 1.21
C THR A 225 -7.24 -8.05 1.46
N ALA A 226 -7.00 -8.29 2.73
CA ALA A 226 -5.99 -9.22 3.21
C ALA A 226 -6.34 -10.68 2.84
N GLU A 227 -7.62 -10.85 2.63
CA GLU A 227 -8.17 -12.09 2.16
C GLU A 227 -7.45 -12.58 0.91
N VAL A 228 -6.99 -11.70 0.05
CA VAL A 228 -6.29 -12.14 -1.13
C VAL A 228 -4.97 -12.76 -0.74
N VAL A 229 -4.27 -12.29 0.30
CA VAL A 229 -2.98 -12.87 0.65
C VAL A 229 -3.23 -14.16 1.44
N LEU A 230 -4.11 -14.07 2.41
CA LEU A 230 -4.44 -15.14 3.30
C LEU A 230 -4.87 -16.42 2.61
N ASN A 231 -5.61 -16.21 1.53
CA ASN A 231 -6.23 -17.26 0.73
C ASN A 231 -5.23 -17.90 -0.19
N ALA A 232 -4.17 -17.21 -0.60
CA ALA A 232 -3.16 -17.78 -1.46
C ALA A 232 -1.98 -18.47 -0.74
N LEU A 233 -2.00 -18.42 0.58
CA LEU A 233 -0.91 -18.94 1.35
C LEU A 233 -0.71 -20.42 1.19
N HIS A 234 -1.83 -21.17 1.38
CA HIS A 234 -1.78 -22.62 1.36
C HIS A 234 -2.07 -23.28 0.05
N SER A 235 -1.98 -22.50 -1.02
CA SER A 235 -2.20 -23.03 -2.33
C SER A 235 -1.21 -24.11 -2.72
N GLY A 236 -1.80 -25.25 -3.04
CA GLY A 236 -1.05 -26.37 -3.56
C GLY A 236 -0.47 -27.21 -2.44
N GLU A 237 -0.99 -26.94 -1.28
CA GLU A 237 -0.57 -27.59 -0.08
C GLU A 237 -1.75 -28.45 0.28
N ILE A 238 -1.51 -29.65 0.83
CA ILE A 238 -2.60 -30.51 1.18
C ILE A 238 -2.45 -30.44 2.66
N LEU A 239 -3.38 -29.74 3.30
CA LEU A 239 -3.39 -29.53 4.72
C LEU A 239 -3.87 -30.77 5.44
N PRO A 240 -3.34 -31.09 6.59
CA PRO A 240 -3.76 -32.25 7.30
C PRO A 240 -5.05 -31.96 7.99
N TYR A 241 -6.01 -32.87 8.03
CA TYR A 241 -7.23 -32.67 8.71
C TYR A 241 -7.11 -32.00 10.07
N GLU A 242 -6.06 -32.35 10.77
CA GLU A 242 -5.87 -31.89 12.13
C GLU A 242 -5.54 -30.40 12.21
N ALA A 243 -5.03 -29.77 11.14
CA ALA A 243 -4.75 -28.35 11.11
C ALA A 243 -5.98 -27.46 11.06
N LEU A 244 -7.14 -28.09 10.94
CA LEU A 244 -8.33 -27.42 10.48
C LEU A 244 -9.35 -27.22 11.57
N PRO A 245 -10.18 -26.16 11.59
CA PRO A 245 -10.09 -25.02 10.67
C PRO A 245 -8.93 -24.10 10.92
N LEU A 246 -8.35 -23.60 9.85
CA LEU A 246 -7.37 -22.53 9.96
C LEU A 246 -8.15 -21.25 10.16
N ARG A 247 -7.97 -20.64 11.30
CA ARG A 247 -8.53 -19.36 11.66
C ARG A 247 -7.44 -18.26 11.58
N TYR A 248 -7.28 -17.44 10.56
CA TYR A 248 -6.25 -16.41 10.42
C TYR A 248 -6.85 -15.02 10.59
N ALA A 249 -6.30 -14.10 11.38
CA ALA A 249 -6.75 -12.69 11.53
C ALA A 249 -5.65 -11.91 10.87
N GLY A 250 -5.72 -11.45 9.66
CA GLY A 250 -4.62 -10.76 9.06
C GLY A 250 -4.87 -9.26 8.99
N TYR A 251 -3.83 -8.49 9.17
CA TYR A 251 -3.88 -7.07 8.99
C TYR A 251 -3.06 -6.74 7.75
N ALA A 252 -3.57 -5.92 6.86
CA ALA A 252 -2.74 -5.35 5.81
C ALA A 252 -3.38 -4.00 5.53
N PRO A 253 -2.67 -2.94 5.08
CA PRO A 253 -3.20 -1.81 4.30
C PRO A 253 -4.01 -2.32 3.12
N ALA A 254 -5.13 -1.73 2.76
CA ALA A 254 -5.94 -2.24 1.66
C ALA A 254 -5.98 -1.08 0.74
N PHE A 255 -5.82 -1.32 -0.54
CA PHE A 255 -5.88 -0.32 -1.58
C PHE A 255 -7.04 -0.68 -2.53
N ARG A 256 -7.85 0.29 -2.89
CA ARG A 256 -8.98 0.05 -3.77
C ARG A 256 -9.04 1.17 -4.77
N SER A 257 -9.13 0.85 -6.03
CA SER A 257 -9.19 1.86 -7.08
C SER A 257 -10.41 2.76 -6.96
N GLU A 258 -11.46 2.14 -6.43
CA GLU A 258 -12.77 2.70 -6.23
C GLU A 258 -13.43 3.10 -7.56
N ALA A 259 -13.13 2.42 -8.67
CA ALA A 259 -13.78 2.66 -9.95
C ALA A 259 -15.24 2.22 -9.87
N GLY A 260 -16.08 3.11 -9.37
CA GLY A 260 -17.50 2.89 -9.26
C GLY A 260 -18.24 4.21 -9.39
N SER A 261 -17.66 5.09 -10.22
CA SER A 261 -18.17 6.42 -10.49
C SER A 261 -18.41 7.22 -9.21
N PHE A 262 -19.62 7.68 -8.89
CA PHE A 262 -19.93 8.49 -7.72
C PHE A 262 -21.45 8.58 -7.73
N GLY A 263 -22.07 9.14 -6.69
CA GLY A 263 -23.52 9.28 -6.63
C GLY A 263 -23.81 10.18 -5.46
N LYS A 264 -23.96 9.56 -4.30
CA LYS A 264 -24.13 10.31 -3.06
C LYS A 264 -22.78 10.94 -2.75
N ASP A 265 -22.75 12.02 -1.99
CA ASP A 265 -21.50 12.67 -1.62
C ASP A 265 -20.79 11.80 -0.60
N VAL A 266 -20.19 10.71 -1.06
CA VAL A 266 -19.51 9.76 -0.20
C VAL A 266 -18.05 10.25 -0.08
N ARG A 267 -18.01 11.36 0.66
CA ARG A 267 -16.81 12.10 1.06
C ARG A 267 -16.55 11.81 2.54
N GLY A 268 -15.49 12.33 3.15
CA GLY A 268 -15.16 12.08 4.56
C GLY A 268 -14.39 10.76 4.76
N LEU A 269 -14.72 9.93 5.74
CA LEU A 269 -13.88 8.77 5.97
C LEU A 269 -14.56 7.54 5.37
N MET A 270 -15.52 7.72 4.49
CA MET A 270 -16.33 6.57 4.19
C MET A 270 -15.76 5.76 3.07
N ARG A 271 -15.22 6.33 2.01
CA ARG A 271 -14.76 5.59 0.85
C ARG A 271 -13.46 6.23 0.42
N VAL A 272 -12.34 5.59 0.73
CA VAL A 272 -11.03 6.11 0.43
C VAL A 272 -10.27 5.06 -0.34
N HIS A 273 -9.23 5.43 -1.05
CA HIS A 273 -8.42 4.48 -1.78
C HIS A 273 -7.55 3.64 -0.90
N GLN A 274 -7.28 4.01 0.32
CA GLN A 274 -6.33 3.27 1.08
C GLN A 274 -6.86 3.28 2.47
N PHE A 275 -6.93 2.14 3.12
CA PHE A 275 -7.45 2.13 4.44
C PHE A 275 -6.75 0.96 5.11
N HIS A 276 -7.09 0.65 6.35
CA HIS A 276 -6.43 -0.40 7.09
C HIS A 276 -7.55 -1.38 7.43
N LYS A 277 -7.26 -2.65 7.25
CA LYS A 277 -8.27 -3.63 7.51
C LYS A 277 -7.69 -4.87 8.19
N VAL A 278 -8.26 -5.22 9.32
CA VAL A 278 -8.00 -6.48 9.94
C VAL A 278 -9.10 -7.45 9.42
N GLU A 279 -8.70 -8.62 8.95
CA GLU A 279 -9.56 -9.58 8.30
C GLU A 279 -9.63 -10.92 8.98
N GLN A 280 -10.82 -11.51 9.09
CA GLN A 280 -11.06 -12.86 9.59
C GLN A 280 -11.12 -13.77 8.39
N TYR A 281 -10.29 -14.79 8.34
CA TYR A 281 -10.31 -15.74 7.27
C TYR A 281 -10.34 -17.14 7.87
N VAL A 282 -11.25 -18.04 7.46
CA VAL A 282 -11.29 -19.40 7.97
C VAL A 282 -11.21 -20.32 6.76
N LEU A 283 -10.39 -21.37 6.81
CA LEU A 283 -10.32 -22.37 5.75
C LEU A 283 -10.78 -23.61 6.53
N THR A 284 -11.87 -24.26 6.17
CA THR A 284 -12.38 -25.33 6.98
C THR A 284 -12.57 -26.53 6.06
N GLU A 285 -13.00 -27.60 6.69
CA GLU A 285 -13.18 -28.87 6.01
C GLU A 285 -14.40 -28.74 5.11
N ALA A 286 -14.51 -29.52 4.04
CA ALA A 286 -15.60 -29.35 3.12
C ALA A 286 -16.95 -29.89 3.58
N SER A 287 -17.52 -29.54 4.73
CA SER A 287 -18.92 -29.81 4.97
C SER A 287 -19.73 -28.52 5.24
N LEU A 288 -20.99 -28.43 4.82
CA LEU A 288 -21.82 -27.28 5.08
C LEU A 288 -21.90 -26.91 6.54
N GLU A 289 -21.94 -27.94 7.36
CA GLU A 289 -22.01 -27.84 8.80
C GLU A 289 -20.78 -27.13 9.37
N ALA A 290 -19.63 -27.49 8.81
CA ALA A 290 -18.37 -26.89 9.19
C ALA A 290 -18.47 -25.39 8.83
N SER A 291 -18.78 -25.12 7.59
CA SER A 291 -19.01 -23.79 7.11
C SER A 291 -20.01 -23.03 7.93
N ASP A 292 -21.11 -23.59 8.35
CA ASP A 292 -22.11 -22.82 9.02
C ASP A 292 -21.63 -22.50 10.39
N ARG A 293 -20.77 -23.35 10.92
CA ARG A 293 -20.26 -23.10 12.25
C ARG A 293 -19.29 -21.94 12.14
N ALA A 294 -18.45 -21.96 11.14
CA ALA A 294 -17.47 -20.93 10.97
C ALA A 294 -18.16 -19.61 10.71
N PHE A 295 -19.15 -19.58 9.84
CA PHE A 295 -19.89 -18.39 9.44
C PHE A 295 -20.43 -17.73 10.68
N GLN A 296 -21.02 -18.52 11.54
CA GLN A 296 -21.57 -17.92 12.71
C GLN A 296 -20.51 -17.37 13.65
N GLU A 297 -19.34 -17.98 13.67
CA GLU A 297 -18.26 -17.57 14.54
C GLU A 297 -17.76 -16.21 14.04
N LEU A 298 -17.53 -16.10 12.76
CA LEU A 298 -17.10 -14.91 12.09
C LEU A 298 -18.06 -13.79 12.34
N LEU A 299 -19.36 -14.08 12.32
CA LEU A 299 -20.39 -13.08 12.55
C LEU A 299 -20.46 -12.67 14.02
N GLU A 300 -20.38 -13.60 14.96
CA GLU A 300 -20.38 -13.30 16.37
C GLU A 300 -19.16 -12.52 16.78
N ASN A 301 -18.04 -12.66 16.08
CA ASN A 301 -16.81 -11.91 16.37
C ASN A 301 -16.92 -10.44 16.02
N ALA A 302 -17.39 -10.17 14.81
CA ALA A 302 -17.70 -8.86 14.32
C ALA A 302 -18.84 -8.33 15.17
N GLU A 303 -19.85 -9.06 15.60
CA GLU A 303 -20.86 -8.53 16.51
C GLU A 303 -20.28 -8.12 17.86
N GLU A 304 -19.37 -8.95 18.40
CA GLU A 304 -18.78 -8.71 19.70
C GLU A 304 -17.88 -7.48 19.63
N ILE A 305 -17.04 -7.35 18.61
CA ILE A 305 -16.24 -6.17 18.34
C ILE A 305 -17.15 -4.93 18.36
N LEU A 306 -18.27 -4.92 17.60
CA LEU A 306 -19.16 -3.79 17.56
C LEU A 306 -19.80 -3.58 18.91
N ARG A 307 -20.00 -4.59 19.71
CA ARG A 307 -20.54 -4.37 21.02
C ARG A 307 -19.52 -3.67 21.86
N LEU A 308 -18.24 -4.04 21.70
CA LEU A 308 -17.13 -3.50 22.47
C LEU A 308 -16.91 -2.02 22.11
N LEU A 309 -17.21 -1.70 20.88
CA LEU A 309 -17.08 -0.38 20.33
C LEU A 309 -18.33 0.43 20.66
N GLU A 310 -19.32 -0.13 21.35
CA GLU A 310 -20.58 0.48 21.75
C GLU A 310 -21.25 1.15 20.56
N LEU A 311 -21.50 0.40 19.48
CA LEU A 311 -22.09 0.91 18.24
C LEU A 311 -23.36 0.15 17.94
N PRO A 312 -24.42 0.85 17.43
CA PRO A 312 -25.70 0.27 17.04
C PRO A 312 -25.48 -0.29 15.66
N TYR A 313 -25.96 -1.51 15.43
CA TYR A 313 -25.69 -2.16 14.16
C TYR A 313 -26.88 -3.01 13.78
N ARG A 314 -26.87 -3.46 12.55
CA ARG A 314 -27.87 -4.39 12.12
C ARG A 314 -27.21 -5.39 11.23
N LEU A 315 -27.80 -6.59 11.10
CA LEU A 315 -27.27 -7.62 10.20
C LEU A 315 -28.17 -7.64 9.01
N VAL A 316 -27.59 -7.85 7.84
CA VAL A 316 -28.31 -7.80 6.61
C VAL A 316 -27.95 -9.02 5.79
N GLU A 317 -28.97 -9.80 5.48
CA GLU A 317 -28.85 -10.92 4.60
C GLU A 317 -28.71 -10.34 3.23
N VAL A 318 -27.58 -10.51 2.57
CA VAL A 318 -27.42 -10.00 1.21
C VAL A 318 -28.07 -10.95 0.18
N ALA A 319 -28.72 -10.31 -0.80
CA ALA A 319 -29.47 -10.93 -1.87
C ALA A 319 -28.57 -11.52 -2.90
N THR A 320 -29.16 -12.39 -3.74
CA THR A 320 -28.39 -13.19 -4.68
C THR A 320 -27.65 -12.39 -5.73
N GLY A 321 -28.34 -11.34 -6.13
CA GLY A 321 -27.82 -10.45 -7.15
C GLY A 321 -26.85 -9.44 -6.58
N ASP A 322 -26.64 -9.44 -5.26
CA ASP A 322 -25.73 -8.50 -4.63
C ASP A 322 -24.52 -9.16 -3.98
N MET A 323 -24.59 -10.40 -3.53
CA MET A 323 -23.45 -11.06 -2.91
C MET A 323 -22.28 -11.40 -3.81
N GLY A 324 -22.40 -11.47 -5.13
CA GLY A 324 -21.23 -11.76 -5.93
C GLY A 324 -21.13 -13.21 -6.37
N PRO A 325 -20.33 -13.54 -7.37
CA PRO A 325 -20.31 -14.83 -8.02
C PRO A 325 -19.88 -15.95 -7.09
N GLY A 326 -18.86 -15.76 -6.27
CA GLY A 326 -18.41 -16.86 -5.45
C GLY A 326 -19.18 -17.15 -4.21
N LYS A 327 -20.10 -16.29 -3.76
CA LYS A 327 -20.70 -16.48 -2.44
C LYS A 327 -21.87 -17.44 -2.34
N TRP A 328 -21.88 -18.13 -1.21
CA TRP A 328 -22.94 -19.02 -0.85
C TRP A 328 -23.87 -18.17 0.01
N ARG A 329 -23.33 -17.38 0.94
CA ARG A 329 -24.04 -16.54 1.89
C ARG A 329 -23.21 -15.29 2.05
N GLN A 330 -23.84 -14.15 2.21
CA GLN A 330 -23.14 -12.95 2.61
C GLN A 330 -24.04 -12.27 3.57
N VAL A 331 -23.57 -11.89 4.74
CA VAL A 331 -24.34 -11.12 5.70
C VAL A 331 -23.44 -9.90 5.97
N ASP A 332 -23.92 -8.72 5.59
CA ASP A 332 -23.29 -7.44 5.89
C ASP A 332 -23.71 -6.97 7.26
N ILE A 333 -22.85 -6.24 7.91
CA ILE A 333 -23.14 -5.69 9.20
C ILE A 333 -22.99 -4.21 8.99
N GLU A 334 -24.01 -3.50 9.37
CA GLU A 334 -24.12 -2.12 9.10
C GLU A 334 -24.17 -1.38 10.38
N VAL A 335 -23.41 -0.29 10.58
CA VAL A 335 -23.55 0.51 11.79
C VAL A 335 -24.35 1.79 11.51
N TYR A 336 -25.10 2.26 12.51
CA TYR A 336 -25.88 3.47 12.32
C TYR A 336 -24.99 4.70 12.23
N LEU A 337 -25.22 5.48 11.19
CA LEU A 337 -24.45 6.68 10.95
C LEU A 337 -25.42 7.85 11.12
N PRO A 338 -25.49 8.45 12.32
CA PRO A 338 -26.50 9.44 12.69
C PRO A 338 -26.69 10.58 11.69
N SER A 339 -25.65 11.06 11.02
CA SER A 339 -25.78 12.18 10.13
C SER A 339 -26.46 11.72 8.86
N GLU A 340 -26.40 10.44 8.48
CA GLU A 340 -27.11 10.07 7.29
C GLU A 340 -28.45 9.48 7.64
N GLY A 341 -28.75 9.21 8.90
CA GLY A 341 -29.99 8.59 9.29
C GLY A 341 -30.12 7.18 8.71
N ARG A 342 -29.02 6.58 8.26
CA ARG A 342 -29.03 5.26 7.65
C ARG A 342 -27.87 4.44 8.23
N TYR A 343 -27.91 3.14 7.94
CA TYR A 343 -26.90 2.22 8.37
C TYR A 343 -25.91 2.07 7.23
N ARG A 344 -24.65 2.01 7.58
CA ARG A 344 -23.61 1.86 6.60
C ARG A 344 -22.77 0.63 6.96
N GLU A 345 -22.42 -0.08 5.91
CA GLU A 345 -21.70 -1.33 5.98
C GLU A 345 -20.37 -1.17 6.68
N THR A 346 -20.02 -2.01 7.67
CA THR A 346 -18.70 -1.97 8.23
C THR A 346 -17.95 -3.29 8.10
N HIS A 347 -18.70 -4.40 7.94
CA HIS A 347 -18.19 -5.77 7.90
C HIS A 347 -18.98 -6.51 6.87
N SER A 348 -18.36 -7.40 6.14
CA SER A 348 -19.14 -8.21 5.23
C SER A 348 -18.61 -9.64 5.37
N CYS A 349 -19.48 -10.53 5.87
CA CYS A 349 -19.24 -11.96 6.15
C CYS A 349 -19.67 -12.82 4.98
N SER A 350 -18.78 -13.60 4.40
CA SER A 350 -19.06 -14.46 3.27
C SER A 350 -18.68 -15.91 3.50
N ALA A 351 -19.53 -16.83 3.04
CA ALA A 351 -19.22 -18.25 3.08
C ALA A 351 -19.06 -18.50 1.61
N LEU A 352 -17.98 -19.10 1.11
CA LEU A 352 -17.81 -19.32 -0.32
C LEU A 352 -17.71 -20.79 -0.75
N LEU A 353 -17.97 -21.68 0.23
CA LEU A 353 -17.79 -23.11 0.11
C LEU A 353 -16.43 -23.39 -0.55
N ASP A 354 -16.35 -24.12 -1.65
CA ASP A 354 -15.08 -24.51 -2.23
C ASP A 354 -14.77 -23.74 -3.49
N TRP A 355 -15.52 -22.67 -3.75
CA TRP A 355 -15.37 -21.91 -4.97
C TRP A 355 -14.00 -21.23 -5.00
N GLN A 356 -13.49 -20.74 -3.87
CA GLN A 356 -12.16 -20.13 -3.89
C GLN A 356 -11.18 -21.27 -3.77
N ALA A 357 -11.43 -22.34 -2.97
CA ALA A 357 -10.52 -23.48 -2.79
C ALA A 357 -10.22 -24.13 -4.12
N ARG A 358 -11.20 -24.20 -5.01
CA ARG A 358 -10.94 -24.74 -6.33
C ARG A 358 -10.18 -23.74 -7.16
N ARG A 359 -10.23 -22.44 -6.88
CA ARG A 359 -9.45 -21.50 -7.70
C ARG A 359 -8.04 -21.36 -7.18
N ALA A 360 -7.83 -21.42 -5.87
CA ALA A 360 -6.54 -21.18 -5.30
C ALA A 360 -5.91 -22.51 -4.98
N ASN A 361 -6.65 -23.61 -5.14
CA ASN A 361 -6.23 -24.97 -4.89
C ASN A 361 -5.84 -25.23 -3.46
N LEU A 362 -6.85 -25.17 -2.62
CA LEU A 362 -6.70 -25.35 -1.19
C LEU A 362 -7.37 -26.66 -0.87
N ARG A 363 -6.56 -27.58 -0.35
CA ARG A 363 -7.03 -28.94 -0.14
C ARG A 363 -6.50 -29.37 1.16
N TYR A 364 -7.15 -30.42 1.61
CA TYR A 364 -6.83 -31.03 2.87
C TYR A 364 -7.03 -32.55 2.78
N ARG A 365 -6.46 -33.31 3.70
CA ARG A 365 -6.64 -34.74 3.71
C ARG A 365 -7.68 -34.93 4.78
N ASP A 366 -8.83 -35.40 4.31
CA ASP A 366 -9.97 -35.61 5.18
C ASP A 366 -9.73 -36.81 6.09
N PRO A 367 -10.59 -37.14 7.03
CA PRO A 367 -10.31 -38.21 8.00
C PRO A 367 -10.23 -39.62 7.41
N GLU A 368 -10.73 -39.86 6.20
CA GLU A 368 -10.64 -41.14 5.54
C GLU A 368 -9.45 -41.21 4.64
N GLY A 369 -8.63 -40.18 4.58
CA GLY A 369 -7.54 -40.21 3.65
C GLY A 369 -7.88 -39.60 2.33
N ARG A 370 -9.09 -39.11 2.04
CA ARG A 370 -9.38 -38.43 0.78
C ARG A 370 -8.96 -36.95 0.79
N VAL A 371 -8.31 -36.56 -0.26
CA VAL A 371 -7.88 -35.21 -0.46
C VAL A 371 -9.09 -34.47 -0.99
N ARG A 372 -9.64 -33.54 -0.20
CA ARG A 372 -10.81 -32.79 -0.64
C ARG A 372 -10.52 -31.29 -0.78
N TYR A 373 -11.24 -30.53 -1.61
CA TYR A 373 -11.15 -29.06 -1.55
C TYR A 373 -11.81 -28.51 -0.31
N ALA A 374 -11.09 -27.62 0.32
CA ALA A 374 -11.57 -27.04 1.56
C ALA A 374 -12.64 -25.98 1.33
N TYR A 375 -13.33 -25.53 2.37
CA TYR A 375 -14.30 -24.47 2.24
C TYR A 375 -13.66 -23.23 2.83
N THR A 376 -13.92 -22.06 2.27
CA THR A 376 -13.34 -20.88 2.85
C THR A 376 -14.49 -19.94 3.19
N LEU A 377 -14.24 -19.10 4.18
CA LEU A 377 -15.15 -18.08 4.65
C LEU A 377 -14.26 -16.90 5.03
N ASN A 378 -14.86 -15.74 5.15
CA ASN A 378 -14.13 -14.56 5.58
C ASN A 378 -15.11 -13.48 6.07
N ASN A 379 -14.62 -12.58 6.90
CA ASN A 379 -15.41 -11.49 7.40
C ASN A 379 -14.44 -10.43 7.82
N THR A 380 -14.81 -9.16 7.73
CA THR A 380 -14.01 -8.03 8.20
C THR A 380 -13.88 -8.22 9.71
N ALA A 381 -12.74 -8.00 10.37
CA ALA A 381 -12.80 -7.90 11.82
C ALA A 381 -13.06 -6.40 12.12
N LEU A 382 -12.35 -5.45 11.49
CA LEU A 382 -12.45 -4.03 11.80
C LEU A 382 -11.69 -3.35 10.71
N ALA A 383 -12.27 -2.39 9.99
CA ALA A 383 -11.57 -1.63 8.96
C ALA A 383 -11.54 -0.18 9.38
N THR A 384 -10.40 0.55 9.35
CA THR A 384 -10.43 1.99 9.53
C THR A 384 -10.18 2.58 8.14
N PRO A 385 -10.62 3.80 7.72
CA PRO A 385 -11.21 4.82 8.57
C PRO A 385 -12.70 4.77 8.61
N ARG A 386 -13.42 4.00 7.80
CA ARG A 386 -14.89 3.99 7.85
C ARG A 386 -15.47 3.79 9.23
N ILE A 387 -14.88 3.00 10.14
CA ILE A 387 -15.53 2.85 11.43
C ILE A 387 -15.44 4.10 12.30
N LEU A 388 -14.42 4.93 12.04
CA LEU A 388 -14.16 6.13 12.80
C LEU A 388 -15.29 7.12 12.55
N ALA A 389 -15.87 7.10 11.37
CA ALA A 389 -17.01 7.90 11.02
C ALA A 389 -18.16 7.55 11.93
N MET A 390 -18.51 6.26 12.08
CA MET A 390 -19.64 5.95 12.96
C MET A 390 -19.24 6.19 14.39
N LEU A 391 -17.96 6.01 14.72
CA LEU A 391 -17.51 6.18 16.10
C LEU A 391 -17.58 7.64 16.53
N LEU A 392 -17.11 8.59 15.74
CA LEU A 392 -17.18 10.01 16.06
C LEU A 392 -18.64 10.47 16.22
N GLU A 393 -19.49 10.16 15.23
CA GLU A 393 -20.88 10.57 15.26
C GLU A 393 -21.60 9.94 16.43
N ASN A 394 -21.37 8.65 16.65
CA ASN A 394 -22.09 8.01 17.73
C ASN A 394 -21.60 8.37 19.10
N HIS A 395 -20.35 8.76 19.27
CA HIS A 395 -19.84 8.97 20.61
C HIS A 395 -19.53 10.44 20.85
N GLN A 396 -19.99 11.33 19.97
CA GLN A 396 -19.70 12.74 20.12
C GLN A 396 -20.38 13.27 21.37
N LEU A 397 -19.73 14.22 22.03
CA LEU A 397 -20.21 14.87 23.24
C LEU A 397 -20.68 16.28 22.83
N GLN A 398 -21.42 17.01 23.69
CA GLN A 398 -21.94 18.38 23.46
C GLN A 398 -20.85 19.35 22.95
N ASP A 399 -19.66 19.28 23.54
CA ASP A 399 -18.52 20.09 23.16
C ASP A 399 -17.81 19.69 21.86
N GLY A 400 -18.27 18.71 21.11
CA GLY A 400 -17.59 18.37 19.87
C GLY A 400 -16.44 17.39 20.15
N ARG A 401 -16.20 16.95 21.37
CA ARG A 401 -15.21 15.93 21.64
C ARG A 401 -15.91 14.56 21.63
N VAL A 402 -15.19 13.44 21.75
CA VAL A 402 -15.74 12.11 21.50
C VAL A 402 -15.25 11.22 22.59
N ARG A 403 -16.17 10.45 23.14
CA ARG A 403 -15.75 9.51 24.14
C ARG A 403 -15.20 8.26 23.46
N VAL A 404 -14.35 7.63 24.24
CA VAL A 404 -13.70 6.42 23.86
C VAL A 404 -14.54 5.36 24.55
N PRO A 405 -15.05 4.31 23.87
CA PRO A 405 -15.69 3.10 24.46
C PRO A 405 -14.90 2.48 25.63
N GLN A 406 -15.43 1.89 26.72
CA GLN A 406 -14.57 1.32 27.79
C GLN A 406 -13.48 0.42 27.23
N ALA A 407 -13.86 -0.47 26.33
CA ALA A 407 -12.95 -1.42 25.74
C ALA A 407 -11.68 -0.83 25.13
N LEU A 408 -11.82 0.37 24.67
CA LEU A 408 -10.72 0.99 24.01
C LEU A 408 -9.93 1.94 24.81
N ILE A 409 -10.42 2.28 26.00
CA ILE A 409 -9.71 3.16 26.88
C ILE A 409 -8.32 2.57 27.15
N PRO A 410 -8.05 1.26 27.42
CA PRO A 410 -6.72 0.73 27.61
C PRO A 410 -5.90 0.97 26.37
N TYR A 411 -6.49 1.01 25.17
CA TYR A 411 -5.69 1.23 23.98
C TYR A 411 -5.40 2.70 23.76
N MET A 412 -6.29 3.54 24.29
CA MET A 412 -6.17 4.96 24.09
C MET A 412 -5.44 5.77 25.09
N GLY A 413 -5.46 5.33 26.33
CA GLY A 413 -4.80 6.08 27.36
C GLY A 413 -5.75 7.12 27.91
N LYS A 414 -6.91 7.36 27.29
CA LYS A 414 -7.80 8.39 27.79
C LYS A 414 -9.20 8.00 27.47
N GLU A 415 -10.09 8.65 28.20
CA GLU A 415 -11.49 8.47 27.99
C GLU A 415 -12.10 9.35 26.89
N VAL A 416 -11.45 10.41 26.40
CA VAL A 416 -12.10 11.34 25.49
C VAL A 416 -11.03 11.77 24.47
N LEU A 417 -11.41 11.93 23.23
CA LEU A 417 -10.51 12.37 22.22
C LEU A 417 -10.64 13.86 22.30
N GLU A 418 -9.46 14.39 22.58
CA GLU A 418 -9.13 15.79 22.70
C GLU A 418 -8.89 16.42 21.33
N PRO A 419 -9.23 17.69 21.12
CA PRO A 419 -8.95 18.37 19.86
C PRO A 419 -7.49 18.69 19.67
N CYS A 420 -7.10 18.80 18.41
CA CYS A 420 -5.83 19.38 18.08
C CYS A 420 -6.15 20.85 17.94
N GLY A 421 -7.16 21.18 17.13
CA GLY A 421 -7.60 22.54 16.93
C GLY A 421 -7.69 22.81 15.42
N MET B 1 16.20 22.23 -4.86
CA MET B 1 16.27 23.33 -5.79
C MET B 1 17.06 24.34 -4.99
N VAL B 2 17.93 25.00 -5.74
CA VAL B 2 18.85 26.01 -5.26
C VAL B 2 18.37 27.35 -5.85
N ASP B 3 18.71 28.43 -5.15
CA ASP B 3 18.38 29.74 -5.63
C ASP B 3 19.20 30.07 -6.88
N LEU B 4 18.56 30.17 -8.03
CA LEU B 4 19.26 30.45 -9.26
C LEU B 4 20.11 31.72 -9.18
N LYS B 5 19.71 32.71 -8.37
CA LYS B 5 20.51 33.91 -8.10
C LYS B 5 21.87 33.51 -7.46
N ARG B 6 21.91 32.71 -6.38
CA ARG B 6 23.14 32.30 -5.75
C ARG B 6 23.90 31.37 -6.68
N LEU B 7 23.21 30.58 -7.48
CA LEU B 7 23.85 29.72 -8.44
C LEU B 7 24.64 30.56 -9.44
N ARG B 8 24.06 31.65 -9.95
CA ARG B 8 24.72 32.54 -10.90
C ARG B 8 25.89 33.27 -10.27
N GLN B 9 25.70 33.74 -9.04
CA GLN B 9 26.73 34.48 -8.34
C GLN B 9 27.91 33.67 -7.83
N GLU B 10 27.70 32.51 -7.21
CA GLU B 10 28.83 31.77 -6.75
C GLU B 10 28.81 30.30 -7.09
N PRO B 11 28.93 30.02 -8.38
CA PRO B 11 28.82 28.65 -8.90
C PRO B 11 29.94 27.72 -8.43
N GLU B 12 31.06 28.23 -7.89
CA GLU B 12 32.15 27.37 -7.49
C GLU B 12 31.70 26.64 -6.24
N VAL B 13 30.88 27.33 -5.43
CA VAL B 13 30.32 26.71 -4.26
C VAL B 13 29.51 25.50 -4.76
N PHE B 14 28.60 25.63 -5.73
CA PHE B 14 27.85 24.48 -6.23
C PHE B 14 28.75 23.56 -6.99
N HIS B 15 29.86 23.99 -7.55
CA HIS B 15 30.75 23.07 -8.27
C HIS B 15 31.37 22.11 -7.29
N ARG B 16 31.81 22.58 -6.13
CA ARG B 16 32.39 21.70 -5.14
C ARG B 16 31.29 20.71 -4.74
N ALA B 17 30.06 21.17 -4.52
CA ALA B 17 28.93 20.35 -4.13
C ALA B 17 28.72 19.27 -5.17
N ILE B 18 28.67 19.59 -6.46
CA ILE B 18 28.54 18.57 -7.50
C ILE B 18 29.73 17.59 -7.49
N ARG B 19 30.96 18.08 -7.32
CA ARG B 19 32.16 17.26 -7.22
C ARG B 19 32.09 16.37 -6.00
N GLU B 20 32.14 16.88 -4.79
CA GLU B 20 32.13 16.07 -3.57
C GLU B 20 30.92 15.18 -3.37
N LYS B 21 29.74 15.59 -3.88
CA LYS B 21 28.52 14.77 -3.76
C LYS B 21 28.38 13.86 -4.95
N GLY B 22 29.22 14.04 -5.97
CA GLY B 22 29.24 13.17 -7.13
C GLY B 22 28.01 13.34 -7.99
N VAL B 23 27.46 14.54 -8.17
CA VAL B 23 26.28 14.64 -9.01
C VAL B 23 26.78 14.77 -10.44
N ALA B 24 26.09 14.06 -11.30
CA ALA B 24 26.40 14.11 -12.69
C ALA B 24 25.67 15.37 -13.13
N LEU B 25 26.36 16.47 -13.23
CA LEU B 25 25.72 17.68 -13.70
C LEU B 25 26.85 18.51 -14.26
N ASP B 26 26.61 19.14 -15.40
CA ASP B 26 27.64 20.02 -15.89
C ASP B 26 27.13 21.41 -15.53
N LEU B 27 27.74 21.99 -14.48
CA LEU B 27 27.33 23.30 -14.01
C LEU B 27 27.56 24.33 -15.09
N GLU B 28 28.69 24.27 -15.80
CA GLU B 28 28.93 25.23 -16.86
C GLU B 28 27.88 25.09 -17.96
N ALA B 29 27.51 23.87 -18.37
CA ALA B 29 26.45 23.71 -19.35
C ALA B 29 25.12 24.22 -18.84
N LEU B 30 24.79 24.06 -17.55
CA LEU B 30 23.55 24.59 -17.01
C LEU B 30 23.56 26.12 -17.10
N LEU B 31 24.61 26.72 -16.57
CA LEU B 31 24.81 28.15 -16.56
C LEU B 31 24.68 28.77 -17.96
N ALA B 32 25.24 28.08 -18.93
CA ALA B 32 25.13 28.46 -20.32
C ALA B 32 23.68 28.48 -20.75
N LEU B 33 23.00 27.39 -20.42
CA LEU B 33 21.64 27.17 -20.83
C LEU B 33 20.78 28.26 -20.31
N ASP B 34 21.07 28.68 -19.08
CA ASP B 34 20.35 29.73 -18.42
C ASP B 34 20.53 31.00 -19.25
N ARG B 35 21.75 31.35 -19.68
CA ARG B 35 21.97 32.55 -20.45
C ARG B 35 21.13 32.54 -21.72
N GLU B 36 21.07 31.40 -22.38
CA GLU B 36 20.27 31.25 -23.59
C GLU B 36 18.81 31.49 -23.26
N VAL B 37 18.28 30.97 -22.16
CA VAL B 37 16.88 31.17 -21.83
C VAL B 37 16.64 32.64 -21.60
N GLN B 38 17.57 33.29 -20.91
CA GLN B 38 17.42 34.69 -20.62
C GLN B 38 17.38 35.49 -21.91
N GLU B 39 18.31 35.12 -22.80
CA GLU B 39 18.46 35.77 -24.10
C GLU B 39 17.22 35.60 -24.95
N LEU B 40 16.69 34.38 -24.98
CA LEU B 40 15.53 34.06 -25.77
C LEU B 40 14.26 34.70 -25.19
N LYS B 41 14.10 34.87 -23.87
CA LYS B 41 12.97 35.61 -23.33
C LYS B 41 13.04 37.08 -23.73
N LYS B 42 14.24 37.64 -23.80
CA LYS B 42 14.40 39.02 -24.23
C LYS B 42 14.11 39.18 -25.73
N ARG B 43 14.67 38.35 -26.61
CA ARG B 43 14.43 38.40 -28.04
C ARG B 43 12.95 38.20 -28.34
N LEU B 44 12.32 37.28 -27.61
CA LEU B 44 10.90 37.08 -27.75
C LEU B 44 10.20 38.35 -27.30
N GLN B 45 10.73 39.11 -26.33
CA GLN B 45 10.11 40.35 -25.90
C GLN B 45 10.05 41.28 -27.10
N GLU B 46 11.21 41.48 -27.74
CA GLU B 46 11.28 42.29 -28.95
C GLU B 46 10.25 41.92 -29.99
N VAL B 47 10.18 40.67 -30.44
CA VAL B 47 9.26 40.40 -31.51
C VAL B 47 7.81 40.53 -31.08
N GLN B 48 7.36 40.01 -29.93
CA GLN B 48 5.95 40.10 -29.58
C GLN B 48 5.57 41.57 -29.38
N THR B 49 6.50 42.40 -28.94
CA THR B 49 6.23 43.80 -28.75
C THR B 49 6.35 44.66 -30.03
N GLU B 50 7.22 44.34 -31.00
CA GLU B 50 7.24 45.05 -32.28
C GLU B 50 5.96 44.70 -33.02
N ARG B 51 5.53 43.45 -32.84
CA ARG B 51 4.28 42.97 -33.37
C ARG B 51 3.13 43.77 -32.78
N ASN B 52 3.18 44.07 -31.46
CA ASN B 52 2.19 44.91 -30.74
C ASN B 52 2.07 46.27 -31.40
N GLN B 53 3.22 46.83 -31.74
CA GLN B 53 3.30 48.10 -32.43
C GLN B 53 2.73 48.02 -33.83
N VAL B 54 3.11 47.04 -34.68
CA VAL B 54 2.57 46.94 -36.03
C VAL B 54 1.04 46.82 -35.99
N ALA B 55 0.53 45.96 -35.12
CA ALA B 55 -0.91 45.76 -34.96
C ALA B 55 -1.65 47.00 -34.48
N LYS B 56 -0.96 47.84 -33.73
CA LYS B 56 -1.51 49.08 -33.22
C LYS B 56 -1.59 50.11 -34.35
N ARG B 57 -0.59 50.11 -35.23
CA ARG B 57 -0.58 50.99 -36.38
C ARG B 57 -1.59 50.58 -37.45
N VAL B 58 -1.90 49.28 -37.61
CA VAL B 58 -2.87 48.80 -38.59
C VAL B 58 -4.21 49.53 -38.61
N PRO B 59 -5.09 49.65 -37.58
CA PRO B 59 -6.48 50.10 -37.70
C PRO B 59 -6.83 51.36 -38.49
N LYS B 60 -5.96 52.36 -38.59
CA LYS B 60 -6.28 53.53 -39.39
C LYS B 60 -5.23 53.86 -40.48
N ALA B 61 -4.37 52.86 -40.75
CA ALA B 61 -3.31 52.97 -41.75
C ALA B 61 -3.92 53.00 -43.15
N PRO B 62 -3.45 53.82 -44.10
CA PRO B 62 -4.03 53.90 -45.44
C PRO B 62 -3.87 52.56 -46.11
N PRO B 63 -4.78 52.11 -46.99
CA PRO B 63 -4.80 50.77 -47.55
C PRO B 63 -3.42 50.29 -48.00
N GLU B 64 -2.62 51.18 -48.61
CA GLU B 64 -1.25 50.87 -49.02
C GLU B 64 -0.43 50.39 -47.83
N GLU B 65 -0.36 51.23 -46.79
CA GLU B 65 0.44 50.90 -45.64
C GLU B 65 -0.24 49.80 -44.81
N LYS B 66 -1.56 49.64 -44.85
CA LYS B 66 -2.21 48.59 -44.09
C LYS B 66 -1.73 47.20 -44.54
N GLU B 67 -1.67 46.87 -45.82
CA GLU B 67 -1.21 45.53 -46.19
C GLU B 67 0.29 45.38 -45.92
N ALA B 68 1.13 46.42 -46.00
CA ALA B 68 2.55 46.27 -45.66
C ALA B 68 2.61 45.76 -44.23
N LEU B 69 1.81 46.39 -43.36
CA LEU B 69 1.72 46.06 -41.95
C LEU B 69 1.22 44.65 -41.75
N ILE B 70 0.27 44.15 -42.54
CA ILE B 70 -0.17 42.75 -42.39
C ILE B 70 0.99 41.81 -42.72
N ALA B 71 1.70 42.10 -43.83
CA ALA B 71 2.83 41.34 -44.34
C ALA B 71 3.88 41.24 -43.24
N ARG B 72 4.33 42.38 -42.71
CA ARG B 72 5.29 42.47 -41.61
C ARG B 72 4.80 41.74 -40.37
N GLY B 73 3.52 41.91 -40.06
CA GLY B 73 2.88 41.26 -38.94
C GLY B 73 3.01 39.74 -39.06
N LYS B 74 2.68 39.16 -40.21
CA LYS B 74 2.78 37.72 -40.41
C LYS B 74 4.20 37.22 -40.12
N ALA B 75 5.23 37.85 -40.70
CA ALA B 75 6.62 37.43 -40.56
C ALA B 75 7.13 37.47 -39.13
N LEU B 76 6.71 38.56 -38.49
CA LEU B 76 7.05 38.78 -37.11
C LEU B 76 6.37 37.71 -36.27
N GLY B 77 5.14 37.32 -36.60
CA GLY B 77 4.42 36.28 -35.89
C GLY B 77 5.15 34.93 -36.01
N GLU B 78 5.66 34.69 -37.21
CA GLU B 78 6.41 33.50 -37.54
C GLU B 78 7.62 33.35 -36.62
N GLU B 79 8.31 34.49 -36.55
CA GLU B 79 9.49 34.68 -35.75
C GLU B 79 9.12 34.39 -34.31
N ALA B 80 8.05 35.03 -33.82
CA ALA B 80 7.59 34.83 -32.46
C ALA B 80 7.25 33.39 -32.15
N LYS B 81 6.63 32.58 -33.01
CA LYS B 81 6.33 31.21 -32.64
C LYS B 81 7.61 30.39 -32.61
N ARG B 82 8.53 30.68 -33.51
CA ARG B 82 9.84 30.04 -33.56
C ARG B 82 10.56 30.25 -32.23
N LEU B 83 10.64 31.49 -31.79
CA LEU B 83 11.29 31.87 -30.55
C LEU B 83 10.57 31.31 -29.33
N GLU B 84 9.24 31.41 -29.34
CA GLU B 84 8.41 30.93 -28.27
C GLU B 84 8.74 29.47 -28.07
N GLU B 85 8.53 28.66 -29.11
CA GLU B 85 8.72 27.24 -28.96
C GLU B 85 10.17 26.88 -28.65
N ALA B 86 11.15 27.67 -29.09
CA ALA B 86 12.54 27.42 -28.75
C ALA B 86 12.80 27.62 -27.27
N LEU B 87 12.15 28.65 -26.73
CA LEU B 87 12.30 29.02 -25.35
C LEU B 87 11.73 27.85 -24.55
N ARG B 88 10.51 27.40 -24.83
CA ARG B 88 9.88 26.33 -24.07
C ARG B 88 10.79 25.11 -24.00
N GLU B 89 11.33 24.66 -25.14
CA GLU B 89 12.24 23.53 -25.18
C GLU B 89 13.47 23.78 -24.30
N LYS B 90 14.07 24.97 -24.43
CA LYS B 90 15.26 25.30 -23.66
C LYS B 90 14.96 25.38 -22.17
N GLU B 91 13.81 25.93 -21.77
CA GLU B 91 13.44 26.11 -20.38
C GLU B 91 13.15 24.77 -19.72
N ALA B 92 12.57 23.82 -20.45
CA ALA B 92 12.29 22.53 -19.87
C ALA B 92 13.62 21.89 -19.56
N ARG B 93 14.58 22.01 -20.47
CA ARG B 93 15.94 21.52 -20.27
C ARG B 93 16.63 22.17 -19.07
N LEU B 94 16.40 23.48 -18.87
CA LEU B 94 16.98 24.21 -17.75
C LEU B 94 16.39 23.73 -16.42
N GLU B 95 15.07 23.61 -16.36
CA GLU B 95 14.38 23.18 -15.16
C GLU B 95 14.83 21.77 -14.73
N ALA B 96 14.92 20.84 -15.68
CA ALA B 96 15.33 19.48 -15.40
C ALA B 96 16.72 19.42 -14.76
N LEU B 97 17.58 20.28 -15.29
CA LEU B 97 18.94 20.47 -14.83
C LEU B 97 18.92 21.10 -13.46
N LEU B 98 18.08 22.12 -13.26
CA LEU B 98 18.00 22.82 -11.97
C LEU B 98 17.59 21.86 -10.85
N LEU B 99 16.78 20.89 -11.27
CA LEU B 99 16.32 19.83 -10.40
C LEU B 99 17.39 18.84 -10.04
N GLN B 100 18.55 18.96 -10.65
CA GLN B 100 19.63 18.12 -10.26
C GLN B 100 20.66 18.85 -9.45
N VAL B 101 20.62 20.18 -9.30
CA VAL B 101 21.64 20.88 -8.52
C VAL B 101 21.51 20.52 -7.03
N PRO B 102 22.63 20.06 -6.42
CA PRO B 102 22.68 19.67 -5.04
C PRO B 102 22.94 20.84 -4.11
N LEU B 103 22.57 20.64 -2.86
CA LEU B 103 22.81 21.62 -1.86
C LEU B 103 24.29 21.42 -1.49
N PRO B 104 25.15 22.43 -1.26
CA PRO B 104 26.42 22.26 -0.59
C PRO B 104 26.33 21.58 0.78
N PRO B 105 27.14 20.55 1.09
CA PRO B 105 27.11 19.88 2.37
C PRO B 105 27.69 20.78 3.41
N TRP B 106 27.44 20.46 4.67
CA TRP B 106 27.97 21.23 5.75
C TRP B 106 29.51 21.13 5.80
N PRO B 107 30.25 22.14 6.32
CA PRO B 107 31.71 22.14 6.29
C PRO B 107 32.39 20.91 6.93
N GLY B 108 31.79 20.27 7.92
CA GLY B 108 32.46 19.15 8.54
C GLY B 108 32.03 17.84 7.95
N ALA B 109 31.26 17.78 6.86
CA ALA B 109 30.84 16.52 6.24
C ALA B 109 32.11 15.80 5.78
N PRO B 110 32.32 14.53 6.11
CA PRO B 110 33.43 13.76 5.54
C PRO B 110 33.34 13.73 4.01
N VAL B 111 34.45 13.91 3.27
CA VAL B 111 34.33 14.03 1.83
C VAL B 111 34.65 12.63 1.31
N GLY B 112 33.77 12.10 0.47
CA GLY B 112 33.95 10.80 -0.11
C GLY B 112 32.66 10.00 -0.11
N GLY B 113 32.70 8.71 -0.39
CA GLY B 113 31.49 7.90 -0.41
C GLY B 113 31.30 7.28 0.95
N GLU B 114 30.52 6.20 1.01
CA GLU B 114 30.20 5.54 2.27
C GLU B 114 31.41 5.21 3.09
N GLU B 115 32.52 4.90 2.48
CA GLU B 115 33.72 4.58 3.22
C GLU B 115 34.36 5.75 3.99
N ALA B 116 33.90 6.98 3.72
CA ALA B 116 34.38 8.15 4.42
C ALA B 116 33.55 8.47 5.65
N ASN B 117 32.44 7.72 5.80
CA ASN B 117 31.54 7.92 6.91
C ASN B 117 32.23 7.75 8.22
N ARG B 118 31.88 8.49 9.26
CA ARG B 118 32.67 8.57 10.46
C ARG B 118 31.77 8.30 11.64
N GLU B 119 32.09 7.33 12.50
CA GLU B 119 31.30 7.00 13.67
C GLU B 119 31.50 8.15 14.63
N ILE B 120 30.39 8.76 15.08
CA ILE B 120 30.30 9.93 15.95
C ILE B 120 30.41 9.35 17.36
N LYS B 121 29.62 8.33 17.68
CA LYS B 121 29.36 7.94 19.06
C LYS B 121 28.80 6.53 19.03
N ARG B 122 28.97 5.76 20.12
CA ARG B 122 28.46 4.42 20.22
C ARG B 122 27.94 4.26 21.62
N VAL B 123 26.72 3.80 21.73
CA VAL B 123 26.11 3.69 23.04
C VAL B 123 25.72 2.23 23.03
N GLY B 124 26.16 1.50 24.05
CA GLY B 124 25.82 0.11 24.25
C GLY B 124 26.67 -0.74 23.36
N GLY B 125 26.64 -2.03 23.56
CA GLY B 125 27.49 -2.82 22.71
C GLY B 125 26.87 -4.16 22.34
N PRO B 126 27.60 -4.87 21.49
CA PRO B 126 27.29 -6.24 21.11
C PRO B 126 26.95 -7.04 22.38
N PRO B 127 25.83 -7.74 22.48
CA PRO B 127 25.52 -8.59 23.64
C PRO B 127 26.50 -9.78 23.78
N GLU B 128 26.82 -10.17 25.01
CA GLU B 128 27.77 -11.24 25.28
C GLU B 128 26.90 -12.47 25.57
N PHE B 129 26.59 -13.32 24.60
CA PHE B 129 25.64 -14.39 24.87
C PHE B 129 26.19 -15.61 25.54
N SER B 130 25.42 -15.93 26.53
CA SER B 130 25.66 -17.08 27.37
C SER B 130 25.61 -18.41 26.61
N PHE B 131 25.22 -18.42 25.33
CA PHE B 131 24.85 -19.60 24.57
C PHE B 131 25.06 -19.23 23.12
N PRO B 132 24.94 -20.07 22.09
CA PRO B 132 25.19 -19.65 20.72
C PRO B 132 23.95 -19.00 20.12
N PRO B 133 24.06 -17.76 19.75
CA PRO B 133 22.96 -16.98 19.30
C PRO B 133 22.45 -17.30 17.89
N LEU B 134 21.13 -17.35 17.74
CA LEU B 134 20.59 -17.52 16.40
C LEU B 134 20.46 -16.15 15.78
N ASP B 135 20.41 -16.22 14.48
CA ASP B 135 20.09 -15.06 13.69
C ASP B 135 18.56 -14.82 13.70
N HIS B 136 18.09 -13.71 13.14
CA HIS B 136 16.71 -13.40 13.33
C HIS B 136 15.83 -14.30 12.48
N VAL B 137 16.29 -14.78 11.33
CA VAL B 137 15.47 -15.67 10.51
C VAL B 137 15.31 -16.98 11.26
N ALA B 138 16.39 -17.46 11.93
CA ALA B 138 16.29 -18.73 12.62
C ALA B 138 15.45 -18.59 13.86
N LEU B 139 15.39 -17.41 14.47
CA LEU B 139 14.47 -17.22 15.57
C LEU B 139 13.03 -17.28 15.03
N MET B 140 12.80 -16.77 13.82
CA MET B 140 11.47 -16.66 13.29
C MET B 140 10.96 -18.03 12.90
N GLU B 141 11.81 -18.76 12.17
CA GLU B 141 11.67 -20.15 11.77
C GLU B 141 11.38 -20.99 12.99
N LYS B 142 12.19 -20.91 14.02
CA LYS B 142 11.97 -21.71 15.19
C LYS B 142 10.69 -21.39 15.94
N ASN B 143 10.29 -20.12 16.08
CA ASN B 143 9.14 -19.89 16.93
C ASN B 143 7.91 -19.75 16.11
N GLY B 144 8.05 -19.87 14.81
CA GLY B 144 6.92 -19.85 13.92
C GLY B 144 6.36 -18.46 13.86
N TRP B 145 7.26 -17.49 13.72
CA TRP B 145 6.83 -16.09 13.76
C TRP B 145 6.83 -15.41 12.42
N TRP B 146 7.10 -16.09 11.31
CA TRP B 146 6.89 -15.45 10.05
C TRP B 146 6.26 -16.48 9.16
N GLU B 147 5.77 -16.10 7.99
CA GLU B 147 5.11 -17.00 7.11
C GLU B 147 5.92 -17.03 5.85
N PRO B 148 6.82 -18.00 5.71
CA PRO B 148 7.63 -18.19 4.50
C PRO B 148 6.74 -18.31 3.28
N ARG B 149 5.52 -18.85 3.36
CA ARG B 149 4.71 -18.97 2.14
C ARG B 149 4.41 -17.63 1.52
N ILE B 150 4.68 -16.51 2.17
CA ILE B 150 4.35 -15.25 1.56
C ILE B 150 5.10 -15.04 0.27
N SER B 151 6.26 -15.66 0.00
CA SER B 151 7.00 -15.43 -1.24
C SER B 151 6.33 -15.97 -2.49
N GLN B 152 5.44 -16.93 -2.29
CA GLN B 152 4.78 -17.56 -3.39
C GLN B 152 3.66 -16.63 -3.76
N VAL B 153 3.06 -15.94 -2.80
CA VAL B 153 1.97 -14.99 -3.02
C VAL B 153 2.43 -13.64 -3.57
N SER B 154 3.46 -13.02 -2.98
CA SER B 154 3.81 -11.66 -3.28
C SER B 154 5.14 -11.47 -3.90
N GLY B 155 6.01 -12.47 -3.85
CA GLY B 155 7.30 -12.30 -4.40
C GLY B 155 8.26 -12.22 -3.25
N SER B 156 9.48 -11.98 -3.66
CA SER B 156 10.58 -11.91 -2.73
C SER B 156 10.60 -10.51 -2.15
N ARG B 157 11.42 -10.37 -1.13
CA ARG B 157 11.52 -9.13 -0.41
C ARG B 157 10.15 -8.75 0.15
N SER B 158 9.43 -9.75 0.66
CA SER B 158 8.12 -9.63 1.26
C SER B 158 8.23 -10.32 2.61
N TYR B 159 7.36 -10.05 3.56
CA TYR B 159 7.42 -10.78 4.81
C TYR B 159 5.98 -10.76 5.28
N ALA B 160 5.62 -11.58 6.21
CA ALA B 160 4.31 -11.69 6.74
C ALA B 160 4.69 -12.20 8.11
N LEU B 161 4.23 -11.61 9.20
CA LEU B 161 4.69 -12.01 10.53
C LEU B 161 3.48 -12.69 11.12
N LYS B 162 3.67 -13.48 12.18
CA LYS B 162 2.65 -14.30 12.72
C LYS B 162 2.77 -14.31 14.21
N GLY B 163 1.68 -14.61 14.85
CA GLY B 163 1.65 -14.74 16.29
C GLY B 163 2.13 -13.47 16.96
N ASP B 164 2.84 -13.67 18.06
CA ASP B 164 3.38 -12.60 18.89
C ASP B 164 4.22 -11.58 18.16
N LEU B 165 4.84 -12.01 17.09
CA LEU B 165 5.66 -11.08 16.39
C LEU B 165 4.75 -10.19 15.50
N ALA B 166 3.58 -10.64 15.02
CA ALA B 166 2.63 -9.82 14.26
C ALA B 166 2.25 -8.62 15.13
N LEU B 167 1.84 -9.02 16.31
CA LEU B 167 1.47 -8.14 17.38
C LEU B 167 2.58 -7.20 17.83
N TYR B 168 3.82 -7.68 17.88
CA TYR B 168 4.96 -6.90 18.29
C TYR B 168 5.23 -5.81 17.28
N GLU B 169 5.10 -6.13 16.00
CA GLU B 169 5.26 -5.16 14.94
C GLU B 169 4.37 -3.96 15.17
N LEU B 170 3.12 -4.23 15.47
CA LEU B 170 2.12 -3.21 15.63
C LEU B 170 2.35 -2.41 16.88
N ALA B 171 2.81 -3.07 17.95
CA ALA B 171 3.08 -2.47 19.23
C ALA B 171 4.23 -1.49 19.08
N LEU B 172 5.26 -1.78 18.29
CA LEU B 172 6.38 -0.90 18.07
C LEU B 172 5.96 0.32 17.31
N LEU B 173 5.07 0.20 16.34
CA LEU B 173 4.57 1.34 15.59
C LEU B 173 3.73 2.31 16.45
N ARG B 174 2.90 1.78 17.30
CA ARG B 174 2.11 2.56 18.17
C ARG B 174 3.05 3.17 19.18
N PHE B 175 4.01 2.40 19.69
CA PHE B 175 4.95 2.88 20.67
C PHE B 175 5.68 4.13 20.15
N ALA B 176 6.17 4.06 18.92
CA ALA B 176 6.90 5.14 18.31
C ALA B 176 5.98 6.34 18.15
N MET B 177 4.70 6.14 17.84
CA MET B 177 3.77 7.24 17.67
C MET B 177 3.46 7.86 19.03
N ASP B 178 3.33 7.07 20.07
CA ASP B 178 3.12 7.60 21.38
C ASP B 178 4.28 8.35 21.89
N PHE B 179 5.48 7.81 21.62
CA PHE B 179 6.69 8.45 22.06
C PHE B 179 6.80 9.79 21.30
N MET B 180 6.58 9.88 19.99
CA MET B 180 6.63 11.14 19.27
C MET B 180 5.60 12.12 19.78
N ALA B 181 4.37 11.69 20.03
CA ALA B 181 3.37 12.59 20.54
C ALA B 181 3.79 13.13 21.91
N ARG B 182 4.43 12.40 22.82
CA ARG B 182 4.87 12.96 24.10
C ARG B 182 6.07 13.86 23.89
N ARG B 183 6.74 13.86 22.73
CA ARG B 183 7.87 14.71 22.44
C ARG B 183 7.30 15.88 21.71
N GLY B 184 5.97 16.06 21.64
CA GLY B 184 5.41 17.21 20.99
C GLY B 184 5.35 17.20 19.49
N PHE B 185 5.48 16.05 18.84
CA PHE B 185 5.28 16.03 17.41
C PHE B 185 3.80 15.70 17.25
N LEU B 186 3.20 16.18 16.17
CA LEU B 186 1.80 15.98 15.96
C LEU B 186 1.70 14.66 15.24
N PRO B 187 1.02 13.69 15.82
CA PRO B 187 0.93 12.38 15.21
C PRO B 187 0.01 12.45 14.04
N MET B 188 0.35 11.84 12.92
CA MET B 188 -0.52 11.82 11.77
C MET B 188 -0.45 10.46 11.13
N THR B 189 -1.57 9.87 10.71
CA THR B 189 -1.55 8.62 9.96
C THR B 189 -1.93 9.11 8.58
N LEU B 190 -1.14 8.65 7.61
CA LEU B 190 -1.11 9.20 6.29
C LEU B 190 -1.22 8.12 5.23
N PRO B 191 -1.51 8.47 3.96
CA PRO B 191 -1.55 7.51 2.85
C PRO B 191 -0.18 7.26 2.36
N SER B 192 -0.03 6.25 1.51
CA SER B 192 1.30 5.83 1.02
C SER B 192 1.40 6.13 -0.44
N TYR B 193 0.59 7.09 -0.94
CA TYR B 193 0.65 7.45 -2.35
C TYR B 193 0.54 8.95 -2.45
N ALA B 194 1.06 9.50 -3.53
CA ALA B 194 1.11 10.92 -3.70
C ALA B 194 1.25 11.15 -5.16
N ARG B 195 0.86 12.32 -5.62
CA ARG B 195 1.11 12.70 -6.99
C ARG B 195 2.61 13.07 -7.16
N GLU B 196 3.07 13.18 -8.40
CA GLU B 196 4.48 13.38 -8.71
C GLU B 196 5.14 14.57 -8.06
N LYS B 197 4.36 15.62 -8.04
CA LYS B 197 4.71 16.89 -7.47
C LYS B 197 5.22 16.71 -6.04
N ALA B 198 4.66 15.80 -5.25
CA ALA B 198 5.13 15.62 -3.90
C ALA B 198 6.48 14.93 -3.91
N PHE B 199 6.85 14.14 -4.92
CA PHE B 199 8.15 13.48 -4.93
C PHE B 199 9.26 14.41 -5.36
N LEU B 200 8.92 15.24 -6.34
CA LEU B 200 9.76 16.35 -6.76
C LEU B 200 10.07 17.26 -5.60
N GLY B 201 9.08 17.51 -4.77
CA GLY B 201 9.22 18.39 -3.65
C GLY B 201 10.29 17.98 -2.69
N THR B 202 10.36 16.69 -2.37
CA THR B 202 11.35 16.15 -1.44
C THR B 202 12.71 15.97 -2.08
N GLY B 203 12.73 15.75 -3.38
CA GLY B 203 13.96 15.48 -4.07
C GLY B 203 14.01 14.02 -4.42
N HIS B 204 12.96 13.23 -4.16
CA HIS B 204 12.95 11.83 -4.53
C HIS B 204 12.85 11.74 -6.05
N PHE B 205 12.11 12.68 -6.68
CA PHE B 205 12.19 12.81 -8.13
C PHE B 205 13.04 14.05 -8.36
N PRO B 206 13.98 14.07 -9.33
CA PRO B 206 14.27 12.97 -10.24
C PRO B 206 15.23 11.89 -9.80
N ALA B 207 16.23 12.22 -9.01
CA ALA B 207 17.31 11.31 -8.65
C ALA B 207 16.99 9.92 -8.12
N TYR B 208 15.89 9.72 -7.38
CA TYR B 208 15.62 8.43 -6.77
C TYR B 208 14.37 7.89 -7.40
N ARG B 209 14.15 8.20 -8.69
CA ARG B 209 12.95 7.76 -9.36
C ARG B 209 12.90 6.24 -9.42
N ASP B 210 14.04 5.63 -9.73
CA ASP B 210 14.33 4.19 -9.72
C ASP B 210 13.68 3.40 -8.57
N GLN B 211 13.62 4.06 -7.43
CA GLN B 211 13.15 3.50 -6.20
C GLN B 211 11.67 3.56 -5.86
N VAL B 212 10.84 4.21 -6.67
CA VAL B 212 9.45 4.40 -6.37
C VAL B 212 8.64 3.61 -7.34
N TRP B 213 7.67 2.89 -6.82
CA TRP B 213 6.70 2.14 -7.56
C TRP B 213 5.55 3.01 -8.04
N ALA B 214 5.29 3.13 -9.32
CA ALA B 214 4.13 3.87 -9.78
C ALA B 214 2.85 3.08 -9.66
N ILE B 215 1.69 3.65 -9.40
CA ILE B 215 0.47 2.87 -9.43
C ILE B 215 0.03 3.05 -10.87
N ALA B 216 -0.06 1.94 -11.62
CA ALA B 216 -0.37 2.00 -13.05
C ALA B 216 -1.75 2.56 -13.33
N GLU B 217 -1.86 3.25 -14.47
CA GLU B 217 -3.08 3.95 -14.93
C GLU B 217 -3.62 5.05 -14.03
N THR B 218 -2.78 5.58 -13.13
CA THR B 218 -3.15 6.65 -12.25
C THR B 218 -1.95 7.58 -12.38
N ASP B 219 -2.03 8.73 -11.73
CA ASP B 219 -0.88 9.61 -11.72
C ASP B 219 -0.31 9.62 -10.33
N LEU B 220 -0.41 8.46 -9.71
CA LEU B 220 0.01 8.26 -8.35
C LEU B 220 1.23 7.37 -8.30
N TYR B 221 1.98 7.59 -7.23
CA TYR B 221 3.19 6.87 -6.95
C TYR B 221 3.04 6.47 -5.50
N LEU B 222 3.58 5.31 -5.14
CA LEU B 222 3.50 4.88 -3.77
C LEU B 222 4.78 5.46 -3.19
N THR B 223 4.72 5.89 -1.94
CA THR B 223 5.79 6.63 -1.37
C THR B 223 6.67 5.69 -0.62
N GLY B 224 7.97 6.01 -0.58
CA GLY B 224 8.92 5.22 0.18
C GLY B 224 9.01 5.76 1.57
N THR B 225 8.61 6.99 1.84
CA THR B 225 8.59 7.47 3.21
C THR B 225 7.41 8.42 3.39
N ALA B 226 6.87 8.53 4.59
CA ALA B 226 5.78 9.47 4.89
C ALA B 226 6.27 10.90 4.66
N GLU B 227 7.58 11.10 4.56
CA GLU B 227 8.19 12.37 4.21
C GLU B 227 7.69 12.91 2.88
N VAL B 228 7.44 12.16 1.81
CA VAL B 228 6.91 12.76 0.61
C VAL B 228 5.57 13.41 0.92
N VAL B 229 4.80 12.80 1.81
CA VAL B 229 3.50 13.36 2.06
C VAL B 229 3.61 14.50 3.04
N LEU B 230 4.27 14.33 4.14
CA LEU B 230 4.38 15.36 5.13
C LEU B 230 5.00 16.61 4.48
N ASN B 231 5.99 16.48 3.63
CA ASN B 231 6.65 17.66 3.05
C ASN B 231 5.74 18.42 2.10
N ALA B 232 4.81 17.75 1.45
CA ALA B 232 4.01 18.43 0.48
C ALA B 232 2.73 18.97 1.08
N LEU B 233 2.44 18.75 2.35
CA LEU B 233 1.17 19.26 2.85
C LEU B 233 0.99 20.76 2.76
N HIS B 234 2.06 21.55 2.97
CA HIS B 234 1.92 22.99 3.02
C HIS B 234 2.48 23.67 1.81
N SER B 235 2.67 22.92 0.73
CA SER B 235 3.09 23.54 -0.50
C SER B 235 2.10 24.61 -0.93
N GLY B 236 2.75 25.71 -1.29
CA GLY B 236 2.05 26.85 -1.80
C GLY B 236 1.42 27.63 -0.67
N GLU B 237 1.60 27.24 0.59
CA GLU B 237 1.00 27.94 1.67
C GLU B 237 2.07 28.79 2.31
N ILE B 238 1.75 29.96 2.88
CA ILE B 238 2.78 30.69 3.56
C ILE B 238 2.42 30.58 5.01
N LEU B 239 3.31 29.99 5.81
CA LEU B 239 3.04 29.75 7.20
C LEU B 239 3.32 30.94 8.10
N PRO B 240 2.54 31.23 9.14
CA PRO B 240 2.88 32.19 10.14
C PRO B 240 4.13 31.77 10.86
N TYR B 241 4.99 32.72 11.14
CA TYR B 241 6.15 32.48 11.92
C TYR B 241 5.84 31.76 13.20
N GLU B 242 4.69 32.05 13.76
CA GLU B 242 4.30 31.53 15.06
C GLU B 242 3.97 30.04 14.97
N ALA B 243 3.78 29.50 13.76
CA ALA B 243 3.56 28.09 13.49
C ALA B 243 4.86 27.29 13.52
N LEU B 244 5.99 27.94 13.31
CA LEU B 244 7.25 27.29 13.20
C LEU B 244 7.80 26.95 14.58
N PRO B 245 8.49 25.82 14.82
CA PRO B 245 8.74 24.80 13.81
C PRO B 245 7.54 23.88 13.77
N LEU B 246 7.16 23.46 12.58
CA LEU B 246 6.16 22.41 12.45
C LEU B 246 6.90 21.10 12.77
N ARG B 247 6.38 20.28 13.64
CA ARG B 247 6.92 18.99 14.01
C ARG B 247 5.85 17.90 13.77
N TYR B 248 5.92 17.18 12.68
CA TYR B 248 4.94 16.18 12.31
C TYR B 248 5.57 14.84 12.55
N ALA B 249 4.86 13.88 13.16
CA ALA B 249 5.30 12.51 13.39
C ALA B 249 4.37 11.76 12.42
N GLY B 250 4.75 11.35 11.24
CA GLY B 250 3.76 10.77 10.34
C GLY B 250 3.97 9.29 10.18
N TYR B 251 2.95 8.50 10.34
CA TYR B 251 2.98 7.08 10.13
C TYR B 251 2.33 6.84 8.79
N ALA B 252 2.92 5.99 7.97
CA ALA B 252 2.33 5.52 6.73
C ALA B 252 3.02 4.18 6.37
N PRO B 253 2.39 3.15 5.76
CA PRO B 253 3.06 2.07 5.08
C PRO B 253 4.05 2.66 4.10
N ALA B 254 5.28 2.13 3.90
CA ALA B 254 6.18 2.65 2.90
C ALA B 254 6.40 1.56 1.87
N PHE B 255 6.58 1.94 0.61
CA PHE B 255 6.79 0.99 -0.47
C PHE B 255 8.07 1.34 -1.21
N ARG B 256 9.02 0.44 -1.36
CA ARG B 256 10.20 0.73 -2.15
C ARG B 256 10.40 -0.29 -3.24
N SER B 257 10.69 0.10 -4.46
CA SER B 257 10.95 -0.85 -5.53
C SER B 257 12.17 -1.68 -5.17
N GLU B 258 13.08 -1.10 -4.40
CA GLU B 258 14.32 -1.71 -3.97
C GLU B 258 15.11 -2.26 -5.15
N ALA B 259 15.11 -1.46 -6.25
CA ALA B 259 15.96 -1.73 -7.40
C ALA B 259 17.44 -1.57 -6.95
N GLY B 260 18.03 -2.58 -6.30
CA GLY B 260 19.39 -2.59 -5.75
C GLY B 260 19.46 -3.76 -4.74
N SER B 261 20.28 -4.75 -5.09
CA SER B 261 20.40 -6.04 -4.40
C SER B 261 21.18 -6.13 -3.08
N PHE B 262 20.74 -7.08 -2.26
CA PHE B 262 21.37 -7.31 -0.98
C PHE B 262 22.55 -8.24 -1.25
N GLY B 263 23.72 -7.63 -1.06
CA GLY B 263 25.00 -8.31 -1.14
C GLY B 263 25.03 -9.43 -0.09
N LYS B 264 24.52 -9.13 1.10
CA LYS B 264 24.30 -10.14 2.13
C LYS B 264 23.00 -10.68 1.56
N ASP B 265 23.15 -11.69 0.71
CA ASP B 265 22.05 -12.21 -0.08
C ASP B 265 20.61 -12.35 0.38
N VAL B 266 19.94 -11.44 -0.33
CA VAL B 266 18.52 -11.22 -0.39
C VAL B 266 17.73 -11.01 0.90
N ARG B 267 17.53 -12.00 1.76
CA ARG B 267 16.46 -11.83 2.75
C ARG B 267 16.46 -11.98 4.30
N GLY B 268 15.23 -11.91 4.83
CA GLY B 268 14.91 -11.85 6.22
C GLY B 268 14.08 -10.58 6.35
N LEU B 269 14.29 -9.74 7.35
CA LEU B 269 13.42 -8.61 7.61
C LEU B 269 14.04 -7.25 7.30
N MET B 270 15.23 -7.29 6.72
CA MET B 270 16.03 -6.11 6.54
C MET B 270 15.72 -5.15 5.41
N ARG B 271 15.37 -5.69 4.23
CA ARG B 271 15.11 -4.91 3.04
C ARG B 271 13.94 -5.60 2.37
N VAL B 272 12.74 -5.07 2.58
CA VAL B 272 11.52 -5.62 2.00
C VAL B 272 10.91 -4.52 1.17
N HIS B 273 9.91 -4.79 0.34
CA HIS B 273 9.30 -3.79 -0.49
C HIS B 273 8.30 -2.93 0.27
N GLN B 274 7.71 -3.52 1.29
CA GLN B 274 6.69 -2.82 2.00
C GLN B 274 6.98 -3.03 3.46
N PHE B 275 7.05 -1.87 4.14
CA PHE B 275 7.32 -1.82 5.56
C PHE B 275 6.50 -0.73 6.19
N HIS B 276 6.62 -0.51 7.48
CA HIS B 276 5.82 0.46 8.13
C HIS B 276 6.81 1.46 8.67
N LYS B 277 6.60 2.78 8.59
CA LYS B 277 7.55 3.70 9.16
C LYS B 277 6.89 4.90 9.84
N VAL B 278 7.23 5.24 11.07
CA VAL B 278 6.82 6.49 11.65
C VAL B 278 7.96 7.48 11.30
N GLU B 279 7.68 8.60 10.64
CA GLU B 279 8.67 9.56 10.23
C GLU B 279 8.60 10.78 11.15
N GLN B 280 9.72 11.41 11.37
CA GLN B 280 9.89 12.64 12.12
C GLN B 280 10.15 13.69 11.04
N TYR B 281 9.31 14.74 10.93
CA TYR B 281 9.42 15.78 9.94
C TYR B 281 9.32 17.10 10.68
N VAL B 282 10.21 17.98 10.24
CA VAL B 282 10.28 19.31 10.81
C VAL B 282 10.47 20.31 9.69
N LEU B 283 9.72 21.41 9.87
CA LEU B 283 9.75 22.59 9.00
C LEU B 283 10.06 23.67 10.03
N THR B 284 11.10 24.41 9.82
CA THR B 284 11.47 25.39 10.81
C THR B 284 11.86 26.64 10.01
N GLU B 285 12.33 27.64 10.73
CA GLU B 285 12.72 28.86 10.03
C GLU B 285 14.09 28.77 9.34
N ALA B 286 14.34 29.73 8.46
CA ALA B 286 15.53 29.68 7.66
C ALA B 286 16.73 30.25 8.35
N SER B 287 17.12 29.57 9.40
CA SER B 287 18.36 29.81 10.07
C SER B 287 19.00 28.49 10.42
N LEU B 288 20.30 28.47 10.17
CA LEU B 288 21.17 27.37 10.54
C LEU B 288 21.04 26.96 11.97
N GLU B 289 20.90 27.87 12.89
CA GLU B 289 20.77 27.51 14.26
C GLU B 289 19.39 26.93 14.45
N ALA B 290 18.34 27.31 13.73
CA ALA B 290 17.04 26.67 13.92
C ALA B 290 17.14 25.24 13.38
N SER B 291 17.80 25.07 12.22
CA SER B 291 18.06 23.79 11.64
C SER B 291 18.86 22.95 12.64
N ASP B 292 20.04 23.37 13.11
CA ASP B 292 20.84 22.64 14.05
C ASP B 292 20.11 22.23 15.30
N ARG B 293 19.22 23.03 15.81
CA ARG B 293 18.52 22.67 17.02
C ARG B 293 17.54 21.57 16.64
N ALA B 294 16.87 21.63 15.50
CA ALA B 294 15.92 20.61 15.08
C ALA B 294 16.66 19.29 14.81
N PHE B 295 17.79 19.30 14.11
CA PHE B 295 18.59 18.11 13.84
C PHE B 295 18.97 17.40 15.12
N GLN B 296 19.43 18.12 16.11
CA GLN B 296 19.79 17.52 17.39
C GLN B 296 18.52 16.98 17.99
N GLU B 297 17.34 17.58 17.96
CA GLU B 297 16.12 16.97 18.54
C GLU B 297 15.70 15.69 17.78
N LEU B 298 15.75 15.72 16.49
CA LEU B 298 15.47 14.57 15.63
C LEU B 298 16.35 13.38 15.96
N LEU B 299 17.60 13.70 16.27
CA LEU B 299 18.60 12.74 16.62
C LEU B 299 18.34 12.21 17.97
N GLU B 300 18.10 13.04 18.95
CA GLU B 300 17.88 12.58 20.30
C GLU B 300 16.65 11.78 20.44
N ASN B 301 15.67 12.06 19.59
CA ASN B 301 14.42 11.30 19.62
C ASN B 301 14.63 9.86 19.19
N ALA B 302 15.35 9.68 18.09
CA ALA B 302 15.69 8.40 17.58
C ALA B 302 16.54 7.67 18.60
N GLU B 303 17.55 8.28 19.23
CA GLU B 303 18.38 7.67 20.27
C GLU B 303 17.60 7.24 21.45
N GLU B 304 16.65 8.08 21.80
CA GLU B 304 15.76 7.80 22.90
C GLU B 304 14.91 6.57 22.66
N ILE B 305 14.39 6.43 21.46
CA ILE B 305 13.61 5.25 21.13
C ILE B 305 14.54 4.05 21.20
N LEU B 306 15.80 4.09 20.68
CA LEU B 306 16.69 2.95 20.74
C LEU B 306 17.02 2.60 22.17
N ARG B 307 17.16 3.57 23.06
CA ARG B 307 17.41 3.27 24.47
C ARG B 307 16.20 2.61 25.04
N LEU B 308 14.98 3.02 24.73
CA LEU B 308 13.81 2.37 25.30
C LEU B 308 13.71 1.00 24.69
N LEU B 309 14.08 0.81 23.44
CA LEU B 309 14.12 -0.48 22.78
C LEU B 309 15.26 -1.38 23.26
N GLU B 310 16.20 -0.77 24.04
CA GLU B 310 17.39 -1.34 24.65
C GLU B 310 18.32 -1.90 23.61
N LEU B 311 18.56 -1.23 22.49
CA LEU B 311 19.39 -1.76 21.44
C LEU B 311 20.76 -1.13 21.42
N PRO B 312 21.89 -1.81 21.11
CA PRO B 312 23.18 -1.15 21.03
C PRO B 312 23.19 -0.30 19.77
N TYR B 313 23.63 0.96 19.69
CA TYR B 313 23.62 1.70 18.47
C TYR B 313 24.83 2.56 18.40
N ARG B 314 25.00 3.23 17.28
CA ARG B 314 26.09 4.17 17.11
C ARG B 314 25.64 5.28 16.16
N LEU B 315 26.23 6.48 16.13
CA LEU B 315 25.77 7.46 15.18
C LEU B 315 26.94 7.55 14.24
N VAL B 316 26.68 7.92 13.01
CA VAL B 316 27.67 7.96 11.95
C VAL B 316 27.43 9.26 11.17
N GLU B 317 28.47 10.02 10.94
CA GLU B 317 28.40 11.16 10.09
C GLU B 317 28.55 10.63 8.67
N VAL B 318 27.57 10.97 7.84
CA VAL B 318 27.52 10.51 6.46
C VAL B 318 28.28 11.51 5.63
N ALA B 319 29.11 10.86 4.80
CA ALA B 319 30.02 11.48 3.86
C ALA B 319 29.24 12.13 2.74
N THR B 320 29.91 13.03 2.02
CA THR B 320 29.28 13.85 1.01
C THR B 320 28.72 12.95 -0.08
N GLY B 321 29.53 12.00 -0.53
CA GLY B 321 29.15 11.10 -1.60
C GLY B 321 27.95 10.27 -1.24
N ASP B 322 27.71 10.08 0.03
CA ASP B 322 26.64 9.21 0.39
C ASP B 322 25.39 9.93 0.89
N MET B 323 25.43 11.22 1.18
CA MET B 323 24.27 11.85 1.77
C MET B 323 23.21 12.22 0.73
N GLY B 324 23.51 12.25 -0.56
CA GLY B 324 22.47 12.64 -1.50
C GLY B 324 22.37 14.15 -1.75
N PRO B 325 21.86 14.52 -2.92
CA PRO B 325 21.97 15.87 -3.45
C PRO B 325 21.46 16.94 -2.54
N GLY B 326 20.32 16.76 -1.87
CA GLY B 326 19.78 17.87 -1.09
C GLY B 326 20.17 18.01 0.37
N LYS B 327 21.16 17.26 0.86
CA LYS B 327 21.46 17.21 2.27
C LYS B 327 22.56 18.16 2.61
N TRP B 328 22.34 18.84 3.72
CA TRP B 328 23.32 19.72 4.31
C TRP B 328 24.14 18.77 5.15
N ARG B 329 23.41 18.03 5.97
CA ARG B 329 24.04 17.19 6.92
C ARG B 329 23.18 15.97 7.06
N GLN B 330 23.88 14.82 7.13
CA GLN B 330 23.23 13.55 7.41
C GLN B 330 23.97 12.67 8.42
N VAL B 331 23.24 12.16 9.39
CA VAL B 331 23.79 11.29 10.37
C VAL B 331 22.92 10.05 10.38
N ASP B 332 23.50 8.86 10.27
CA ASP B 332 22.67 7.69 10.35
C ASP B 332 22.82 7.15 11.73
N ILE B 333 21.83 6.38 12.16
CA ILE B 333 21.90 5.64 13.39
C ILE B 333 21.81 4.19 12.92
N GLU B 334 22.79 3.46 13.39
CA GLU B 334 22.96 2.08 13.04
C GLU B 334 22.84 1.31 14.28
N VAL B 335 22.15 0.16 14.24
CA VAL B 335 22.03 -0.72 15.41
C VAL B 335 22.83 -2.03 15.20
N TYR B 336 23.42 -2.63 16.22
CA TYR B 336 24.20 -3.82 16.02
C TYR B 336 23.34 -5.04 15.74
N LEU B 337 23.72 -5.74 14.68
CA LEU B 337 23.03 -6.93 14.26
C LEU B 337 24.07 -8.03 14.50
N PRO B 338 24.00 -8.78 15.64
CA PRO B 338 24.88 -9.89 16.00
C PRO B 338 25.21 -10.86 14.86
N SER B 339 24.21 -11.34 14.10
CA SER B 339 24.42 -12.31 13.07
C SER B 339 25.28 -11.80 11.92
N GLU B 340 25.39 -10.49 11.75
CA GLU B 340 26.31 -10.00 10.75
C GLU B 340 27.49 -9.39 11.47
N GLY B 341 27.59 -9.40 12.81
CA GLY B 341 28.74 -8.85 13.53
C GLY B 341 29.03 -7.41 13.09
N ARG B 342 27.93 -6.68 12.81
CA ARG B 342 28.00 -5.32 12.36
C ARG B 342 26.75 -4.47 12.58
N TYR B 343 27.00 -3.17 12.55
CA TYR B 343 26.00 -2.16 12.75
C TYR B 343 25.17 -2.04 11.50
N ARG B 344 23.87 -1.85 11.60
CA ARG B 344 23.05 -1.67 10.41
C ARG B 344 22.17 -0.45 10.53
N GLU B 345 22.02 0.32 9.47
CA GLU B 345 21.19 1.50 9.53
C GLU B 345 19.74 1.17 9.85
N THR B 346 19.25 1.85 10.89
CA THR B 346 17.84 1.84 11.17
C THR B 346 17.22 3.25 11.04
N HIS B 347 17.99 4.35 11.01
CA HIS B 347 17.51 5.73 10.99
C HIS B 347 18.45 6.61 10.21
N SER B 348 18.04 7.58 9.38
CA SER B 348 18.89 8.57 8.74
C SER B 348 18.25 9.90 9.12
N CYS B 349 19.05 10.85 9.64
CA CYS B 349 18.61 12.19 10.08
C CYS B 349 19.19 13.17 9.09
N SER B 350 18.37 13.87 8.34
CA SER B 350 18.87 14.78 7.35
C SER B 350 18.34 16.14 7.65
N ALA B 351 19.22 17.10 7.33
CA ALA B 351 18.89 18.50 7.39
C ALA B 351 19.05 18.93 5.95
N LEU B 352 18.03 19.53 5.32
CA LEU B 352 18.14 19.87 3.90
C LEU B 352 18.04 21.34 3.62
N LEU B 353 18.13 22.17 4.70
CA LEU B 353 18.00 23.59 4.60
C LEU B 353 16.73 23.92 3.79
N ASP B 354 16.78 24.73 2.76
CA ASP B 354 15.59 25.06 1.99
C ASP B 354 15.62 24.38 0.66
N TRP B 355 16.37 23.27 0.50
CA TRP B 355 16.49 22.67 -0.80
C TRP B 355 15.14 22.06 -1.21
N GLN B 356 14.43 21.48 -0.23
CA GLN B 356 13.10 20.94 -0.45
C GLN B 356 12.09 22.09 -0.40
N ALA B 357 12.22 23.12 0.45
CA ALA B 357 11.31 24.25 0.49
C ALA B 357 11.27 24.96 -0.85
N ARG B 358 12.35 25.10 -1.57
CA ARG B 358 12.28 25.80 -2.85
C ARG B 358 11.70 24.90 -3.89
N ARG B 359 11.55 23.61 -3.64
CA ARG B 359 11.02 22.70 -4.64
C ARG B 359 9.55 22.45 -4.36
N ALA B 360 9.22 22.25 -3.08
CA ALA B 360 7.87 22.02 -2.63
C ALA B 360 7.12 23.32 -2.35
N ASN B 361 7.86 24.43 -2.45
CA ASN B 361 7.36 25.76 -2.30
C ASN B 361 6.82 25.99 -0.90
N LEU B 362 7.66 25.80 0.09
CA LEU B 362 7.23 25.90 1.48
C LEU B 362 7.80 27.23 1.99
N ARG B 363 6.95 28.06 2.57
CA ARG B 363 7.38 29.39 2.84
C ARG B 363 6.70 29.83 4.08
N TYR B 364 7.27 30.84 4.70
CA TYR B 364 6.75 31.36 5.93
C TYR B 364 7.06 32.83 5.88
N ARG B 365 6.41 33.58 6.77
CA ARG B 365 6.51 35.01 6.97
C ARG B 365 7.32 35.14 8.23
N ASP B 366 8.52 35.64 8.03
CA ASP B 366 9.49 35.73 9.10
C ASP B 366 9.13 36.79 10.16
N PRO B 367 9.75 37.01 11.32
CA PRO B 367 9.34 38.03 12.31
C PRO B 367 9.24 39.49 11.86
N GLU B 368 9.78 39.75 10.67
CA GLU B 368 9.77 41.03 10.02
C GLU B 368 8.91 41.10 8.79
N GLY B 369 7.98 40.19 8.53
CA GLY B 369 7.12 40.28 7.36
C GLY B 369 7.72 39.81 6.07
N ARG B 370 8.99 39.44 6.04
CA ARG B 370 9.59 38.93 4.82
C ARG B 370 9.19 37.48 4.61
N VAL B 371 8.85 37.14 3.39
CA VAL B 371 8.47 35.79 3.12
C VAL B 371 9.73 35.08 2.75
N ARG B 372 9.91 33.93 3.35
CA ARG B 372 11.10 33.12 3.19
C ARG B 372 10.81 31.64 2.93
N TYR B 373 11.71 30.95 2.24
CA TYR B 373 11.67 29.52 2.15
C TYR B 373 12.03 28.95 3.52
N ALA B 374 11.21 28.02 4.02
CA ALA B 374 11.52 27.37 5.28
C ALA B 374 12.73 26.43 5.18
N TYR B 375 13.13 25.84 6.28
CA TYR B 375 14.16 24.85 6.25
C TYR B 375 13.49 23.54 6.63
N THR B 376 13.89 22.42 6.03
CA THR B 376 13.26 21.18 6.42
C THR B 376 14.29 20.15 6.84
N LEU B 377 13.84 19.29 7.71
CA LEU B 377 14.62 18.24 8.32
C LEU B 377 13.74 17.01 8.47
N ASN B 378 14.31 15.83 8.51
CA ASN B 378 13.50 14.66 8.77
C ASN B 378 14.42 13.60 9.38
N ASN B 379 13.81 12.72 10.15
CA ASN B 379 14.51 11.59 10.66
C ASN B 379 13.51 10.45 10.87
N THR B 380 13.93 9.18 10.83
CA THR B 380 13.03 8.07 11.07
C THR B 380 12.69 8.14 12.54
N ALA B 381 11.50 7.78 12.97
CA ALA B 381 11.28 7.58 14.37
C ALA B 381 11.53 6.09 14.61
N LEU B 382 10.84 5.20 13.86
CA LEU B 382 10.96 3.77 14.01
C LEU B 382 10.47 3.14 12.73
N ALA B 383 11.15 2.27 12.00
CA ALA B 383 10.62 1.58 10.84
C ALA B 383 10.59 0.07 11.11
N THR B 384 9.50 -0.67 10.92
CA THR B 384 9.50 -2.13 11.07
C THR B 384 9.43 -2.69 9.64
N PRO B 385 9.79 -3.93 9.28
CA PRO B 385 10.26 -4.97 10.17
C PRO B 385 11.74 -4.88 10.48
N ARG B 386 12.51 -3.95 9.92
CA ARG B 386 13.93 -3.95 10.14
C ARG B 386 14.30 -3.89 11.60
N ILE B 387 13.74 -3.08 12.50
CA ILE B 387 14.33 -3.12 13.84
C ILE B 387 13.99 -4.44 14.49
N LEU B 388 13.06 -5.22 13.90
CA LEU B 388 12.67 -6.51 14.47
C LEU B 388 13.82 -7.47 14.28
N ALA B 389 14.63 -7.31 13.21
CA ALA B 389 15.81 -8.10 12.96
C ALA B 389 16.70 -7.89 14.15
N MET B 390 16.90 -6.63 14.57
CA MET B 390 17.71 -6.35 15.75
C MET B 390 17.12 -6.60 17.12
N LEU B 391 15.84 -6.50 17.29
CA LEU B 391 15.28 -6.81 18.56
C LEU B 391 15.36 -8.29 18.78
N LEU B 392 15.11 -9.08 17.77
CA LEU B 392 15.12 -10.53 17.95
C LEU B 392 16.51 -11.03 18.32
N GLU B 393 17.51 -10.64 17.57
CA GLU B 393 18.85 -11.06 17.85
C GLU B 393 19.44 -10.53 19.12
N ASN B 394 19.21 -9.26 19.47
CA ASN B 394 19.80 -8.73 20.67
C ASN B 394 18.99 -9.20 21.84
N HIS B 395 17.73 -9.61 21.75
CA HIS B 395 16.96 -9.94 22.94
C HIS B 395 16.58 -11.40 23.08
N GLN B 396 17.11 -12.26 22.20
CA GLN B 396 16.89 -13.69 22.21
C GLN B 396 17.38 -14.30 23.48
N LEU B 397 16.61 -15.22 24.01
CA LEU B 397 16.92 -15.89 25.23
C LEU B 397 17.43 -17.27 24.84
N GLN B 398 18.00 -18.04 25.77
CA GLN B 398 18.53 -19.42 25.59
C GLN B 398 17.63 -20.36 24.77
N ASP B 399 16.38 -20.40 25.19
CA ASP B 399 15.39 -21.23 24.54
C ASP B 399 14.94 -20.75 23.18
N GLY B 400 15.44 -19.65 22.61
CA GLY B 400 14.92 -19.19 21.33
C GLY B 400 13.76 -18.25 21.50
N ARG B 401 13.23 -18.06 22.71
CA ARG B 401 12.24 -17.02 22.87
C ARG B 401 12.95 -15.65 22.91
N VAL B 402 12.26 -14.50 22.92
CA VAL B 402 12.84 -13.17 22.78
C VAL B 402 12.24 -12.32 23.89
N ARG B 403 13.03 -11.58 24.69
CA ARG B 403 12.43 -10.78 25.75
C ARG B 403 11.93 -9.44 25.19
N VAL B 404 10.84 -8.80 25.67
CA VAL B 404 10.53 -7.51 25.07
C VAL B 404 11.12 -6.51 26.04
N PRO B 405 11.82 -5.47 25.58
CA PRO B 405 12.27 -4.37 26.41
C PRO B 405 11.21 -3.81 27.35
N GLN B 406 11.55 -3.34 28.57
CA GLN B 406 10.60 -2.84 29.58
C GLN B 406 9.56 -1.83 29.11
N ALA B 407 9.99 -0.86 28.33
CA ALA B 407 9.09 0.15 27.79
C ALA B 407 8.06 -0.41 26.83
N LEU B 408 8.29 -1.60 26.31
CA LEU B 408 7.33 -2.16 25.41
C LEU B 408 6.47 -3.20 26.05
N ILE B 409 6.70 -3.55 27.31
CA ILE B 409 5.86 -4.53 27.96
C ILE B 409 4.43 -3.97 28.00
N PRO B 410 4.06 -2.72 28.31
CA PRO B 410 2.67 -2.26 28.24
C PRO B 410 2.05 -2.42 26.85
N TYR B 411 2.78 -2.21 25.79
CA TYR B 411 2.25 -2.37 24.46
C TYR B 411 2.06 -3.84 24.07
N MET B 412 2.81 -4.82 24.61
CA MET B 412 2.70 -6.23 24.26
C MET B 412 1.79 -7.00 25.17
N GLY B 413 1.87 -6.72 26.46
CA GLY B 413 1.12 -7.45 27.46
C GLY B 413 2.02 -8.44 28.16
N LYS B 414 3.24 -8.59 27.66
CA LYS B 414 4.09 -9.65 28.17
C LYS B 414 5.51 -9.25 27.97
N GLU B 415 6.28 -9.96 28.77
CA GLU B 415 7.70 -9.80 28.83
C GLU B 415 8.33 -10.71 27.82
N VAL B 416 7.75 -11.72 27.23
CA VAL B 416 8.52 -12.60 26.35
C VAL B 416 7.66 -12.93 25.14
N LEU B 417 8.22 -12.98 23.95
CA LEU B 417 7.48 -13.38 22.80
C LEU B 417 7.46 -14.89 22.86
N GLU B 418 6.26 -15.43 22.94
CA GLU B 418 5.98 -16.85 22.87
C GLU B 418 5.95 -17.39 21.42
N PRO B 419 6.35 -18.64 21.13
CA PRO B 419 6.25 -19.28 19.83
C PRO B 419 4.82 -19.57 19.47
N CYS B 420 4.63 -19.66 18.16
CA CYS B 420 3.32 -19.88 17.62
C CYS B 420 3.28 -21.35 17.21
N GLY B 421 3.51 -21.70 15.93
CA GLY B 421 3.45 -23.08 15.46
C GLY B 421 3.58 -23.02 13.94
N10 AHX C . -12.64 -9.54 2.97
CA AHX C . -14.03 -9.21 2.99
CB AHX C . -14.46 -8.93 4.38
OG AHX C . -13.52 -7.97 4.88
C9 AHX C . -13.95 -7.95 2.17
O9 AHX C . -12.90 -7.31 2.15
N8 AHX C . -15.00 -7.64 1.47
PA AHX C . -15.80 -5.32 1.24
O1A AHX C . -16.10 -4.50 0.04
O2A AHX C . -16.94 -5.91 2.00
O3A AHX C . -14.88 -6.48 0.73
O5' AHX C . -14.96 -4.47 2.31
C5' AHX C . -15.06 -4.75 3.72
C4' AHX C . -14.95 -3.54 4.63
O4' AHX C . -13.76 -2.75 4.46
C3' AHX C . -16.17 -2.65 4.45
O3' AHX C . -17.29 -3.13 5.21
C2' AHX C . -15.65 -1.34 4.98
O2' AHX C . -15.59 -1.40 6.38
C1' AHX C . -14.22 -1.39 4.48
N9 AHX C . -14.10 -0.78 3.16
C8 AHX C . -14.16 -1.38 1.91
N7 AHX C . -13.83 -0.56 0.94
C5 AHX C . -13.53 0.65 1.59
C6 AHX C . -13.05 1.88 1.11
N6 AHX C . -12.81 2.13 -0.17
N1 AHX C . -12.81 2.83 2.02
C2 AHX C . -12.98 2.56 3.32
N3 AHX C . -13.28 1.42 3.91
C4 AHX C . -13.63 0.51 2.94
P AMP D . 15.80 5.73 4.41
O1P AMP D . 14.97 7.18 4.44
O2P AMP D . 15.81 5.22 3.04
O3P AMP D . 17.08 5.83 5.13
O5' AMP D . 14.83 4.89 5.33
C5' AMP D . 14.83 5.16 6.73
C4' AMP D . 14.70 3.86 7.51
O4' AMP D . 13.62 3.01 7.06
C3' AMP D . 15.91 2.93 7.41
O3' AMP D . 16.87 3.34 8.37
C2' AMP D . 15.30 1.64 7.84
O2' AMP D . 14.94 1.73 9.22
C1' AMP D . 14.01 1.62 7.09
N9 AMP D . 14.11 0.99 5.76
C8 AMP D . 14.47 1.57 4.55
N7 AMP D . 14.20 0.85 3.51
C5 AMP D . 13.73 -0.33 4.06
C6 AMP D . 13.38 -1.53 3.47
N6 AMP D . 13.43 -1.65 2.15
N1 AMP D . 12.98 -2.55 4.28
C2 AMP D . 12.85 -2.33 5.59
N3 AMP D . 13.11 -1.20 6.26
C4 AMP D . 13.62 -0.25 5.41
#